data_8J1A
#
_entry.id   8J1A
#
_cell.length_a   1.00
_cell.length_b   1.00
_cell.length_c   1.00
_cell.angle_alpha   90.00
_cell.angle_beta   90.00
_cell.angle_gamma   90.00
#
_symmetry.space_group_name_H-M   'P 1'
#
loop_
_entity.id
_entity.type
_entity.pdbx_description
1 polymer 'Guanine nucleotide-binding protein G(i) subunit alpha-1'
2 polymer 'Guanine nucleotide-binding protein G(I)/G(S)/G(T) subunit beta-1'
3 polymer 'Guanine nucleotide-binding protein G(I)/G(S)/G(O) subunit gamma-2'
4 polymer 'G-protein coupled receptor 84'
5 polymer 'Antibody fragment ScFv16'
#
loop_
_entity_poly.entity_id
_entity_poly.type
_entity_poly.pdbx_seq_one_letter_code
_entity_poly.pdbx_strand_id
1 'polypeptide(L)'
;MGCTLSAEDKAAVERSKMIDRNLREDGEKAAREVKLLLLGAGESGKNTIVKQMKIIHEAGYSEEECKQYKAVVYSNTIQS
IIAIIRAMGRLKIDFGDSARADDARQLFVLAGAAEEGFMTAELAGVIKRLWKDSGVQACFNRSREYQLNDSAAYYLNDLD
RIAQPNYIPTQQDVLRTRVKTTGIVETHFTFKDLHFKMFDVGAQRSERKKWIHCFEGVTAIIFCVALSDYDLVLAEDEEM
NRMHASMKLFDSICNNKWFTDTSIILFLNKKDLFEEKIKKSPLTICYPEYAGSNTYEEAAAYIQCQFEDLNKRKDTKEIY
THFTCSTDTKNVQFVFDAVTDVIIKNNLKDCGLF
;
A
2 'polypeptide(L)'
;MGSLLQSELDQLRQEAEQLKNQIRDARKACADATLSQITNNIDPVGRIQMRTRRTLRGHLAKIYAMHWGTDSRLLVSASQ
DGKLIIWDSYTTNKVHAIPLRSSWVMTCAYAPSGNYVACGGLDNICSIYNLKTREGNVRVSRELAGHTGYLSCCRFLDDN
QIVTSSGDTTCALWDIETGQQTTTFTGHTGDVMSLSLAPDTRLFVSGACDASAKLWDVREGMCRQTFTGHESDINAICFF
PNGNAFATGSDDATCRLFDLRADQELMTYSHDNIICGITSVSFSKSGRLLLAGYDDFNCNVWDALKADRAGVLAGHDNRV
SCLGVTDDGMAVATGSWDSFLKIWNGSS
;
B
3 'polypeptide(L)' MASNNTASIAQARKLVEQLKMEANIDRIKVSKAAADLMAYCEAHAKEDPLLTPVPASENPFREKKFFCAIL G
4 'polypeptide(L)'
;HHHHHHHHHHMWNSSDANFSCYHESVLGYRYVAVSWGVVVAVTGTVGNVLTLLALAIQPKLRTRFNLLIANLTLADLLYC
TLLQPFSVDTYLHLHWRTGATFCRVFGLLLFASNSVSILTLCLIALGRYLLIAHPKLFPQVFSAKGIVLALVSTWVVGVA
SFAPLWPIYILVPVVCTCSFDRIRGRPYTTILMGIYFVLGLSSVGIFYCLIHRQVKRAAQALDQYKLRQASIHSNHVART
DEAMPGRFQELDSRLASGGPSEGISSEPVSAATTQTLEGDSSEVGDQINSKRAKQMAEKSPPEASAKAQPIKGARRAPDS
SSEFGKVTRMCFAVFLCFALSYIPFLLLNILDARVQAPRVVHMLAANLTWLNGCINPVLYAAMNRQFRQAYGSILKRGPR
SFHRLH
;
R
5 'polypeptide(L)'
;DVQLVESGGGLVQPGGSRKLSCSASGFAFSSFGMHWVRQAPEKGLEWVAYISSGSGTIYYADTVKGRFTISRDDPKNTLF
LQMTSLRSEDTAMYYCVRSIYYYGSSPFDFWGQGTTLTVSSGGGGSGGGGSGGGGSDIVMTQATSSVPVTPGESVSISCR
SSKSLLHSNGNTYLYWFLQRPGQSPQLLIYRMSNLASGVPDRFSGSGSGTAFTLTISRLEAEDVGVYYCMQHLEYPLTFG
AGTKLELKGSLEVLFQGPAAAHHHHHHHH
;
S
#
# COMPACT_ATOMS: atom_id res chain seq x y z
N THR A 4 -15.84 -24.76 -3.95
CA THR A 4 -14.44 -25.25 -4.10
C THR A 4 -13.67 -25.12 -2.78
N LEU A 5 -13.64 -23.90 -2.25
CA LEU A 5 -12.92 -23.64 -1.02
C LEU A 5 -13.51 -24.46 0.13
N SER A 6 -12.63 -24.97 0.99
CA SER A 6 -13.07 -25.82 2.08
C SER A 6 -13.96 -25.03 3.04
N ALA A 7 -14.47 -25.74 4.05
CA ALA A 7 -15.40 -25.13 4.99
C ALA A 7 -14.77 -23.98 5.75
N GLU A 8 -13.46 -24.02 5.99
CA GLU A 8 -12.78 -22.95 6.71
C GLU A 8 -11.80 -22.17 5.86
N ASP A 9 -11.58 -22.56 4.60
CA ASP A 9 -10.91 -21.65 3.67
C ASP A 9 -11.80 -20.46 3.36
N LYS A 10 -13.11 -20.69 3.24
CA LYS A 10 -14.04 -19.59 3.05
C LYS A 10 -14.04 -18.66 4.26
N ALA A 11 -13.89 -19.22 5.46
CA ALA A 11 -13.79 -18.38 6.65
C ALA A 11 -12.54 -17.52 6.60
N ALA A 12 -11.42 -18.09 6.14
CA ALA A 12 -10.21 -17.30 5.98
C ALA A 12 -10.40 -16.18 4.98
N VAL A 13 -11.10 -16.47 3.87
CA VAL A 13 -11.34 -15.46 2.86
C VAL A 13 -12.22 -14.34 3.43
N GLU A 14 -13.21 -14.72 4.24
CA GLU A 14 -14.06 -13.72 4.88
C GLU A 14 -13.24 -12.84 5.82
N ARG A 15 -12.34 -13.45 6.58
CA ARG A 15 -11.46 -12.69 7.46
C ARG A 15 -10.60 -11.71 6.65
N SER A 16 -10.08 -12.17 5.52
CA SER A 16 -9.26 -11.30 4.68
C SER A 16 -10.08 -10.14 4.15
N LYS A 17 -11.32 -10.39 3.75
CA LYS A 17 -12.17 -9.32 3.25
C LYS A 17 -12.48 -8.30 4.35
N MET A 18 -12.74 -8.78 5.56
CA MET A 18 -12.98 -7.85 6.67
C MET A 18 -11.74 -7.02 6.98
N ILE A 19 -10.57 -7.66 6.93
CA ILE A 19 -9.33 -6.92 7.16
C ILE A 19 -9.14 -5.87 6.07
N ASP A 20 -9.48 -6.21 4.83
CA ASP A 20 -9.37 -5.25 3.74
C ASP A 20 -10.30 -4.07 3.97
N ARG A 21 -11.52 -4.34 4.45
CA ARG A 21 -12.44 -3.24 4.75
C ARG A 21 -11.87 -2.32 5.83
N ASN A 22 -11.32 -2.92 6.89
CA ASN A 22 -10.71 -2.10 7.95
C ASN A 22 -9.54 -1.29 7.41
N LEU A 23 -8.72 -1.91 6.56
CA LEU A 23 -7.59 -1.19 5.96
C LEU A 23 -8.06 -0.01 5.13
N ARG A 24 -9.12 -0.20 4.34
CA ARG A 24 -9.64 0.90 3.53
C ARG A 24 -10.15 2.03 4.41
N GLU A 25 -10.87 1.68 5.49
CA GLU A 25 -11.38 2.72 6.38
C GLU A 25 -10.24 3.51 7.00
N ASP A 26 -9.20 2.81 7.50
CA ASP A 26 -8.07 3.51 8.09
C ASP A 26 -7.34 4.34 7.05
N GLY A 27 -7.23 3.85 5.81
CA GLY A 27 -6.57 4.62 4.78
C GLY A 27 -7.31 5.91 4.47
N GLU A 28 -8.65 5.86 4.40
CA GLU A 28 -9.41 7.07 4.18
C GLU A 28 -9.23 8.05 5.34
N LYS A 29 -9.30 7.54 6.57
CA LYS A 29 -9.13 8.42 7.73
C LYS A 29 -7.76 9.09 7.71
N ALA A 30 -6.73 8.33 7.34
CA ALA A 30 -5.37 8.90 7.29
C ALA A 30 -5.25 9.90 6.15
N ALA A 31 -5.91 9.64 5.02
CA ALA A 31 -5.84 10.57 3.90
C ALA A 31 -6.50 11.89 4.23
N ARG A 32 -7.57 11.85 5.03
CA ARG A 32 -8.21 13.11 5.43
C ARG A 32 -7.27 14.00 6.24
N GLU A 33 -6.34 13.40 6.98
CA GLU A 33 -5.46 14.17 7.84
C GLU A 33 -4.41 14.92 7.02
N VAL A 34 -4.05 16.11 7.49
CA VAL A 34 -2.98 16.91 6.91
C VAL A 34 -1.69 16.58 7.65
N LYS A 35 -0.60 16.43 6.91
CA LYS A 35 0.72 16.18 7.47
C LYS A 35 1.64 17.35 7.19
N LEU A 36 2.44 17.73 8.17
CA LEU A 36 3.42 18.80 8.04
C LEU A 36 4.74 18.31 8.61
N LEU A 37 5.84 18.65 7.96
CA LEU A 37 7.17 18.28 8.42
C LEU A 37 7.83 19.52 9.00
N LEU A 38 8.33 19.44 10.23
CA LEU A 38 8.87 20.59 10.94
C LEU A 38 10.39 20.55 10.87
N LEU A 39 11.00 21.64 10.40
CA LEU A 39 12.45 21.75 10.30
C LEU A 39 12.88 23.12 10.81
N GLY A 40 14.15 23.21 11.18
CA GLY A 40 14.74 24.44 11.67
C GLY A 40 15.59 24.18 12.89
N ALA A 41 16.52 25.10 13.14
CA ALA A 41 17.43 24.96 14.26
C ALA A 41 16.67 25.01 15.58
N GLY A 42 17.20 24.29 16.58
CA GLY A 42 16.54 24.24 17.88
C GLY A 42 16.46 25.59 18.56
N GLU A 43 17.46 26.45 18.34
CA GLU A 43 17.47 27.78 18.95
C GLU A 43 16.66 28.79 18.16
N SER A 44 16.04 28.39 17.04
CA SER A 44 15.25 29.30 16.20
C SER A 44 13.82 29.47 16.73
N GLY A 45 13.54 29.06 17.98
CA GLY A 45 12.20 29.13 18.50
C GLY A 45 11.29 27.99 18.07
N LYS A 46 11.83 26.96 17.43
CA LYS A 46 10.99 25.87 16.96
C LYS A 46 10.21 25.23 18.10
N ASN A 47 10.87 24.98 19.23
CA ASN A 47 10.17 24.42 20.38
C ASN A 47 9.07 25.36 20.85
N THR A 48 9.36 26.66 20.92
CA THR A 48 8.34 27.62 21.32
C THR A 48 7.20 27.67 20.32
N ILE A 49 7.52 27.57 19.02
CA ILE A 49 6.47 27.61 18.00
C ILE A 49 5.54 26.42 18.14
N VAL A 50 6.12 25.22 18.33
CA VAL A 50 5.28 24.04 18.47
C VAL A 50 4.49 24.09 19.77
N LYS A 51 5.08 24.63 20.83
CA LYS A 51 4.35 24.76 22.09
C LYS A 51 3.14 25.69 21.93
N GLN A 52 3.35 26.87 21.36
CA GLN A 52 2.25 27.80 21.18
C GLN A 52 1.21 27.25 20.22
N MET A 53 1.66 26.58 19.16
CA MET A 53 0.75 26.05 18.16
C MET A 53 0.03 24.78 18.61
N LYS A 54 0.58 24.08 19.60
CA LYS A 54 -0.06 22.87 20.13
C LYS A 54 -1.10 23.30 21.16
N ILE A 55 -2.32 23.56 20.68
CA ILE A 55 -3.41 23.97 21.55
C ILE A 55 -4.66 23.17 21.21
N THR A 182 12.33 8.90 21.83
CA THR A 182 13.60 9.62 21.84
C THR A 182 14.05 9.95 20.42
N GLY A 183 13.17 9.72 19.44
CA GLY A 183 13.47 10.00 18.06
C GLY A 183 12.51 11.02 17.47
N ILE A 184 11.78 10.61 16.43
CA ILE A 184 10.79 11.50 15.84
C ILE A 184 9.72 11.81 16.86
N VAL A 185 9.24 13.06 16.83
CA VAL A 185 8.15 13.51 17.70
C VAL A 185 6.97 13.86 16.81
N GLU A 186 5.77 13.49 17.23
CA GLU A 186 4.56 13.78 16.48
C GLU A 186 3.61 14.59 17.35
N THR A 187 3.11 15.69 16.79
CA THR A 187 2.15 16.54 17.48
C THR A 187 0.86 16.58 16.67
N HIS A 188 -0.26 16.69 17.37
CA HIS A 188 -1.59 16.68 16.75
C HIS A 188 -2.31 17.96 17.10
N PHE A 189 -2.76 18.70 16.09
CA PHE A 189 -3.63 19.84 16.28
C PHE A 189 -4.95 19.61 15.56
N THR A 190 -5.95 20.40 15.95
CA THR A 190 -7.26 20.38 15.30
C THR A 190 -7.74 21.82 15.23
N PHE A 191 -7.63 22.43 14.05
CA PHE A 191 -8.07 23.80 13.82
C PHE A 191 -9.13 23.80 12.73
N LYS A 192 -10.29 24.38 13.04
CA LYS A 192 -11.36 24.56 12.06
C LYS A 192 -11.69 23.25 11.35
N ASP A 193 -11.73 22.16 12.13
CA ASP A 193 -12.06 20.83 11.59
C ASP A 193 -11.05 20.41 10.52
N LEU A 194 -9.77 20.44 10.89
CA LEU A 194 -8.68 20.01 10.01
C LEU A 194 -7.58 19.47 10.91
N HIS A 195 -7.36 18.15 10.86
CA HIS A 195 -6.42 17.50 11.76
C HIS A 195 -5.00 17.63 11.20
N PHE A 196 -4.11 18.23 12.00
CA PHE A 196 -2.73 18.47 11.60
C PHE A 196 -1.82 17.51 12.36
N LYS A 197 -0.95 16.82 11.62
CA LYS A 197 0.07 15.95 12.19
C LYS A 197 1.42 16.58 11.88
N MET A 198 2.05 17.17 12.89
CA MET A 198 3.31 17.86 12.73
C MET A 198 4.44 16.95 13.20
N PHE A 199 5.33 16.59 12.28
CA PHE A 199 6.44 15.68 12.59
C PHE A 199 7.68 16.52 12.85
N ASP A 200 8.01 16.65 14.13
CA ASP A 200 9.23 17.31 14.57
C ASP A 200 10.33 16.26 14.63
N VAL A 201 11.26 16.32 13.67
CA VAL A 201 12.30 15.32 13.54
C VAL A 201 13.67 15.89 13.87
N GLY A 202 13.71 16.99 14.64
CA GLY A 202 14.99 17.59 14.98
C GLY A 202 15.87 16.68 15.82
N ALA A 203 15.27 15.85 16.66
CA ALA A 203 16.04 14.97 17.53
C ALA A 203 16.84 13.94 16.76
N GLN A 204 16.51 13.70 15.50
CA GLN A 204 17.22 12.72 14.67
C GLN A 204 18.56 13.31 14.23
N ARG A 205 19.53 13.24 15.15
CA ARG A 205 20.86 13.74 14.86
C ARG A 205 21.68 12.69 14.13
N SER A 206 21.13 12.16 13.04
CA SER A 206 21.79 11.17 12.20
C SER A 206 21.87 11.71 10.78
N GLU A 207 22.33 10.86 9.86
CA GLU A 207 22.49 11.27 8.48
C GLU A 207 21.12 11.47 7.83
N ARG A 208 20.93 12.61 7.18
CA ARG A 208 19.76 12.80 6.35
C ARG A 208 19.93 12.04 5.04
N LYS A 209 19.01 12.26 4.11
CA LYS A 209 19.04 11.61 2.79
C LYS A 209 18.86 10.10 2.90
N LYS A 210 18.72 9.58 4.13
CA LYS A 210 18.40 8.19 4.35
C LYS A 210 17.05 8.02 5.03
N TRP A 211 16.50 9.09 5.58
CA TRP A 211 15.15 9.07 6.13
C TRP A 211 14.30 10.24 5.69
N ILE A 212 14.83 11.18 4.90
CA ILE A 212 14.04 12.32 4.46
C ILE A 212 12.97 11.88 3.48
N HIS A 213 13.28 10.91 2.62
CA HIS A 213 12.31 10.45 1.63
C HIS A 213 11.07 9.84 2.28
N CYS A 214 11.14 9.49 3.57
CA CYS A 214 9.96 9.03 4.26
C CYS A 214 8.85 10.07 4.21
N PHE A 215 9.22 11.35 4.25
CA PHE A 215 8.27 12.45 4.19
C PHE A 215 8.05 12.97 2.78
N GLU A 216 8.19 12.12 1.77
CA GLU A 216 8.04 12.59 0.39
C GLU A 216 6.63 13.11 0.14
N GLY A 217 5.62 12.47 0.73
CA GLY A 217 4.24 12.84 0.51
C GLY A 217 3.69 13.91 1.43
N VAL A 218 4.50 14.43 2.34
CA VAL A 218 4.00 15.44 3.28
C VAL A 218 3.47 16.63 2.51
N THR A 219 2.40 17.24 3.04
CA THR A 219 1.72 18.31 2.32
C THR A 219 2.41 19.67 2.48
N ALA A 220 3.31 19.82 3.43
CA ALA A 220 4.01 21.09 3.59
C ALA A 220 5.17 20.91 4.55
N ILE A 221 6.16 21.79 4.41
CA ILE A 221 7.34 21.77 5.25
C ILE A 221 7.36 23.09 6.02
N ILE A 222 6.99 23.06 7.29
CA ILE A 222 7.20 24.22 8.14
C ILE A 222 8.68 24.36 8.41
N PHE A 223 9.21 25.57 8.24
CA PHE A 223 10.64 25.82 8.31
C PHE A 223 10.86 27.05 9.20
N CYS A 224 11.32 26.84 10.42
CA CYS A 224 11.52 27.93 11.36
C CYS A 224 12.93 28.48 11.25
N VAL A 225 13.05 29.80 11.41
CA VAL A 225 14.36 30.45 11.42
C VAL A 225 14.21 31.74 12.21
N ALA A 226 15.28 32.12 12.92
CA ALA A 226 15.28 33.30 13.77
C ALA A 226 15.90 34.47 13.02
N LEU A 227 15.24 35.62 13.07
CA LEU A 227 15.74 36.83 12.42
C LEU A 227 16.97 37.39 13.10
N SER A 228 17.34 36.86 14.27
CA SER A 228 18.48 37.34 15.04
C SER A 228 19.59 36.30 15.10
N ASP A 229 19.85 35.64 13.97
CA ASP A 229 20.81 34.54 13.90
C ASP A 229 22.21 35.01 13.53
N TYR A 230 22.58 36.23 13.90
CA TYR A 230 23.96 36.70 13.77
C TYR A 230 24.79 36.45 15.02
N ASP A 231 24.23 35.76 16.01
CA ASP A 231 24.88 35.64 17.31
C ASP A 231 26.01 34.61 17.29
N LEU A 232 25.68 33.35 17.02
CA LEU A 232 26.65 32.26 17.12
C LEU A 232 27.59 32.30 15.91
N VAL A 233 28.50 33.27 15.94
CA VAL A 233 29.51 33.40 14.90
C VAL A 233 30.67 32.46 15.21
N LEU A 234 31.00 31.59 14.25
CA LEU A 234 32.06 30.62 14.45
C LEU A 234 33.43 31.27 14.32
N ASN A 241 26.43 34.64 11.45
CA ASN A 241 26.89 33.53 10.64
C ASN A 241 25.79 32.48 10.50
N ARG A 242 25.06 32.25 11.60
CA ARG A 242 24.01 31.23 11.59
C ARG A 242 22.89 31.57 10.61
N MET A 243 22.72 32.85 10.28
CA MET A 243 21.77 33.19 9.22
C MET A 243 22.21 32.57 7.89
N HIS A 244 23.51 32.62 7.60
CA HIS A 244 24.01 31.97 6.40
C HIS A 244 23.78 30.47 6.44
N ALA A 245 24.00 29.85 7.61
CA ALA A 245 23.78 28.41 7.73
C ALA A 245 22.31 28.07 7.50
N SER A 246 21.40 28.87 8.05
CA SER A 246 19.99 28.67 7.80
C SER A 246 19.67 28.84 6.32
N MET A 247 20.34 29.79 5.66
CA MET A 247 20.15 29.95 4.22
C MET A 247 20.57 28.70 3.48
N LYS A 248 21.70 28.11 3.85
CA LYS A 248 22.14 26.88 3.20
C LYS A 248 21.15 25.75 3.45
N LEU A 249 20.63 25.65 4.67
CA LEU A 249 19.66 24.61 4.98
C LEU A 249 18.39 24.79 4.15
N PHE A 250 17.92 26.03 4.02
CA PHE A 250 16.74 26.29 3.21
C PHE A 250 16.99 25.95 1.75
N ASP A 251 18.17 26.28 1.24
CA ASP A 251 18.50 25.93 -0.13
C ASP A 251 18.50 24.42 -0.33
N SER A 252 19.04 23.69 0.65
CA SER A 252 19.07 22.23 0.56
C SER A 252 17.66 21.63 0.60
N ILE A 253 16.81 22.16 1.46
CA ILE A 253 15.48 21.56 1.66
C ILE A 253 14.55 21.93 0.50
N CYS A 254 14.57 23.19 0.08
CA CYS A 254 13.63 23.64 -0.94
C CYS A 254 13.86 22.91 -2.27
N ASN A 255 15.12 22.71 -2.63
CA ASN A 255 15.48 22.10 -3.91
C ASN A 255 15.62 20.59 -3.83
N ASN A 256 15.33 19.98 -2.68
CA ASN A 256 15.42 18.53 -2.56
C ASN A 256 14.53 17.87 -3.60
N LYS A 257 15.05 16.81 -4.24
CA LYS A 257 14.29 16.14 -5.28
C LYS A 257 13.03 15.50 -4.74
N TRP A 258 12.98 15.22 -3.44
CA TRP A 258 11.76 14.68 -2.84
C TRP A 258 10.70 15.74 -2.65
N PHE A 259 11.11 17.00 -2.47
CA PHE A 259 10.20 18.09 -2.20
C PHE A 259 10.08 19.05 -3.38
N THR A 260 10.04 18.52 -4.61
CA THR A 260 9.81 19.37 -5.77
C THR A 260 8.40 19.97 -5.72
N ASP A 261 7.42 19.17 -5.30
CA ASP A 261 6.04 19.63 -5.21
C ASP A 261 5.68 20.16 -3.83
N THR A 262 6.30 19.62 -2.78
CA THR A 262 5.96 20.02 -1.42
C THR A 262 6.30 21.49 -1.18
N SER A 263 5.30 22.27 -0.79
CA SER A 263 5.53 23.68 -0.52
C SER A 263 6.11 23.86 0.88
N ILE A 264 6.59 25.08 1.13
CA ILE A 264 7.27 25.41 2.38
C ILE A 264 6.54 26.56 3.06
N ILE A 265 6.44 26.49 4.37
CA ILE A 265 5.85 27.54 5.20
C ILE A 265 6.98 28.09 6.06
N LEU A 266 7.50 29.24 5.68
CA LEU A 266 8.67 29.80 6.34
C LEU A 266 8.23 30.67 7.52
N PHE A 267 8.80 30.42 8.69
CA PHE A 267 8.53 31.20 9.89
C PHE A 267 9.78 31.98 10.25
N LEU A 268 9.63 33.29 10.40
CA LEU A 268 10.72 34.17 10.80
C LEU A 268 10.40 34.69 12.20
N ASN A 269 11.19 34.26 13.18
CA ASN A 269 10.88 34.50 14.58
C ASN A 269 11.75 35.61 15.15
N LYS A 270 11.59 35.84 16.46
CA LYS A 270 12.38 36.83 17.19
C LYS A 270 12.22 38.23 16.61
N LYS A 271 11.03 38.53 16.07
CA LYS A 271 10.79 39.85 15.52
C LYS A 271 10.90 40.92 16.60
N ASP A 272 10.33 40.65 17.79
CA ASP A 272 10.28 41.67 18.83
C ASP A 272 11.67 42.16 19.21
N LEU A 273 12.61 41.24 19.40
CA LEU A 273 13.97 41.64 19.73
C LEU A 273 14.83 41.92 18.51
N PHE A 274 14.46 41.36 17.34
CA PHE A 274 15.15 41.74 16.12
C PHE A 274 14.94 43.22 15.81
N GLU A 275 13.78 43.76 16.19
CA GLU A 275 13.48 45.17 15.90
C GLU A 275 14.53 46.09 16.50
N GLU A 276 15.16 45.71 17.61
CA GLU A 276 16.24 46.49 18.19
C GLU A 276 17.61 45.95 17.86
N LYS A 277 17.76 44.64 17.69
CA LYS A 277 19.05 44.10 17.27
C LYS A 277 19.48 44.70 15.95
N ILE A 278 18.53 44.95 15.05
CA ILE A 278 18.86 45.61 13.79
C ILE A 278 19.42 47.00 14.07
N LYS A 279 18.83 47.72 15.02
CA LYS A 279 19.33 49.05 15.36
C LYS A 279 20.74 48.97 15.93
N LYS A 280 21.03 47.95 16.74
CA LYS A 280 22.35 47.84 17.33
C LYS A 280 23.43 47.73 16.25
N SER A 281 23.19 46.92 15.23
CA SER A 281 24.12 46.75 14.13
C SER A 281 23.33 46.53 12.84
N PRO A 282 23.76 47.14 11.74
CA PRO A 282 23.02 47.00 10.48
C PRO A 282 23.22 45.63 9.84
N LEU A 283 22.39 45.35 8.83
CA LEU A 283 22.47 44.08 8.13
C LEU A 283 23.80 43.91 7.39
N THR A 284 24.53 44.99 7.17
CA THR A 284 25.80 44.89 6.45
C THR A 284 26.76 43.93 7.14
N ILE A 285 26.63 43.74 8.45
CA ILE A 285 27.44 42.76 9.16
C ILE A 285 27.19 41.38 8.59
N CYS A 286 25.98 41.07 8.09
CA CYS A 286 25.66 39.76 7.47
C CYS A 286 25.68 39.83 5.96
N TYR A 287 24.95 40.78 5.35
CA TYR A 287 24.89 40.93 3.89
C TYR A 287 25.43 42.31 3.61
N PRO A 288 26.69 42.44 3.17
CA PRO A 288 27.18 43.78 2.81
C PRO A 288 26.23 44.64 1.98
N GLU A 289 25.47 44.06 1.04
CA GLU A 289 24.45 44.84 0.32
C GLU A 289 23.52 45.39 1.38
N TYR A 290 22.89 44.51 2.17
CA TYR A 290 22.02 44.92 3.28
C TYR A 290 20.74 45.64 2.87
N ALA A 291 19.94 46.02 3.86
CA ALA A 291 18.72 46.78 3.58
C ALA A 291 19.13 48.16 3.12
N GLY A 292 18.33 48.79 2.26
CA GLY A 292 18.62 50.14 1.80
C GLY A 292 18.62 51.06 2.99
N SER A 293 17.45 51.35 3.54
CA SER A 293 17.36 52.13 4.76
C SER A 293 17.49 51.08 5.82
N ASN A 294 18.42 51.23 6.76
CA ASN A 294 18.50 50.28 7.86
C ASN A 294 17.29 50.53 8.74
N THR A 295 16.20 49.75 8.59
CA THR A 295 14.99 49.86 9.40
C THR A 295 14.36 48.47 9.52
N TYR A 296 13.57 48.29 10.57
CA TYR A 296 12.95 46.99 10.79
C TYR A 296 12.18 46.51 9.57
N GLU A 297 11.30 47.35 9.04
CA GLU A 297 10.45 46.94 7.92
C GLU A 297 11.31 46.57 6.70
N GLU A 298 12.20 47.47 6.30
CA GLU A 298 12.99 47.22 5.09
C GLU A 298 13.94 46.05 5.30
N ALA A 299 14.57 45.96 6.46
CA ALA A 299 15.49 44.86 6.72
C ALA A 299 14.76 43.52 6.72
N ALA A 300 13.59 43.47 7.36
CA ALA A 300 12.82 42.23 7.37
C ALA A 300 12.37 41.86 5.96
N ALA A 301 11.96 42.84 5.16
CA ALA A 301 11.60 42.57 3.79
C ALA A 301 12.78 42.02 3.00
N TYR A 302 13.98 42.58 3.26
CA TYR A 302 15.17 42.09 2.57
C TYR A 302 15.48 40.65 2.96
N ILE A 303 15.35 40.32 4.25
CA ILE A 303 15.58 38.94 4.69
C ILE A 303 14.57 38.01 4.04
N GLN A 304 13.30 38.42 4.01
CA GLN A 304 12.26 37.63 3.36
C GLN A 304 12.60 37.37 1.91
N CYS A 305 12.99 38.42 1.19
CA CYS A 305 13.34 38.26 -0.22
C CYS A 305 14.54 37.34 -0.38
N GLN A 306 15.57 37.53 0.45
CA GLN A 306 16.75 36.67 0.38
C GLN A 306 16.40 35.21 0.53
N PHE A 307 15.52 34.89 1.49
CA PHE A 307 15.15 33.49 1.69
C PHE A 307 14.20 32.98 0.61
N GLU A 308 13.35 33.85 0.05
CA GLU A 308 12.39 33.39 -0.95
C GLU A 308 13.05 33.17 -2.31
N ASP A 309 14.06 33.97 -2.64
CA ASP A 309 14.76 33.78 -3.91
C ASP A 309 15.59 32.49 -3.94
N LEU A 310 15.79 31.84 -2.80
CA LEU A 310 16.47 30.56 -2.79
C LEU A 310 15.65 29.47 -3.48
N ASN A 311 14.36 29.69 -3.65
CA ASN A 311 13.49 28.72 -4.33
C ASN A 311 13.85 28.68 -5.81
N LYS A 312 14.41 27.56 -6.26
CA LYS A 312 14.80 27.43 -7.65
C LYS A 312 13.62 27.05 -8.54
N ARG A 313 12.49 26.64 -7.97
CA ARG A 313 11.31 26.24 -8.72
C ARG A 313 10.15 27.10 -8.24
N LYS A 314 9.99 28.28 -8.85
CA LYS A 314 8.91 29.18 -8.45
C LYS A 314 7.55 28.60 -8.81
N ASP A 315 7.46 27.95 -9.98
CA ASP A 315 6.17 27.44 -10.44
C ASP A 315 5.64 26.35 -9.52
N THR A 316 6.50 25.44 -9.07
CA THR A 316 6.05 24.25 -8.36
C THR A 316 5.83 24.47 -6.86
N LYS A 317 6.31 25.60 -6.32
CA LYS A 317 6.15 25.88 -4.90
C LYS A 317 5.65 27.30 -4.69
N GLU A 318 5.11 27.55 -3.51
CA GLU A 318 4.85 28.89 -3.01
C GLU A 318 5.32 28.94 -1.56
N ILE A 319 6.39 29.67 -1.31
CA ILE A 319 6.93 29.78 0.04
C ILE A 319 6.09 30.79 0.82
N TYR A 320 5.29 30.30 1.75
CA TYR A 320 4.43 31.15 2.57
C TYR A 320 5.24 31.58 3.78
N THR A 321 5.41 32.88 3.94
CA THR A 321 6.28 33.45 4.96
C THR A 321 5.45 34.21 5.98
N HIS A 322 5.86 34.13 7.25
CA HIS A 322 5.17 34.80 8.34
C HIS A 322 6.18 35.26 9.38
N PHE A 323 5.84 36.34 10.06
CA PHE A 323 6.67 36.90 11.13
C PHE A 323 5.95 36.65 12.45
N THR A 324 6.41 35.63 13.19
CA THR A 324 5.67 35.17 14.35
C THR A 324 5.53 36.27 15.39
N CYS A 325 6.65 36.89 15.78
CA CYS A 325 6.65 37.97 16.77
C CYS A 325 6.01 37.51 18.09
N SER A 326 6.08 36.22 18.38
CA SER A 326 5.48 35.66 19.59
C SER A 326 4.00 36.04 19.70
N THR A 327 3.31 35.99 18.56
CA THR A 327 1.88 36.32 18.54
C THR A 327 1.09 35.31 19.36
N ASP A 328 -0.08 35.75 19.82
CA ASP A 328 -0.92 34.90 20.66
C ASP A 328 -1.27 33.60 19.96
N THR A 329 -2.00 33.69 18.84
CA THR A 329 -2.46 32.51 18.13
C THR A 329 -2.33 32.64 16.62
N LYS A 330 -1.74 33.73 16.12
CA LYS A 330 -1.66 33.93 14.68
C LYS A 330 -0.87 32.82 13.99
N ASN A 331 0.00 32.13 14.71
CA ASN A 331 0.79 31.07 14.10
C ASN A 331 -0.11 29.95 13.59
N VAL A 332 -1.04 29.48 14.42
CA VAL A 332 -1.92 28.39 14.01
C VAL A 332 -2.81 28.83 12.87
N GLN A 333 -3.35 30.04 12.95
CA GLN A 333 -4.23 30.52 11.88
C GLN A 333 -3.47 30.64 10.57
N PHE A 334 -2.23 31.14 10.61
CA PHE A 334 -1.45 31.25 9.39
C PHE A 334 -1.14 29.87 8.82
N VAL A 335 -0.80 28.91 9.68
CA VAL A 335 -0.54 27.56 9.21
C VAL A 335 -1.78 27.01 8.53
N PHE A 336 -2.95 27.27 9.13
CA PHE A 336 -4.20 26.78 8.54
C PHE A 336 -4.44 27.43 7.18
N ASP A 337 -4.21 28.74 7.07
CA ASP A 337 -4.42 29.42 5.79
C ASP A 337 -3.48 28.88 4.72
N ALA A 338 -2.20 28.74 5.05
CA ALA A 338 -1.25 28.21 4.08
C ALA A 338 -1.62 26.79 3.67
N VAL A 339 -2.03 25.97 4.64
CA VAL A 339 -2.37 24.58 4.35
C VAL A 339 -3.61 24.50 3.47
N THR A 340 -4.63 25.31 3.76
CA THR A 340 -5.84 25.25 2.95
C THR A 340 -5.58 25.78 1.55
N ASP A 341 -4.73 26.80 1.41
CA ASP A 341 -4.36 27.25 0.07
C ASP A 341 -3.61 26.16 -0.69
N VAL A 342 -2.70 25.46 -0.02
CA VAL A 342 -1.97 24.38 -0.67
C VAL A 342 -2.92 23.28 -1.10
N ILE A 343 -3.90 22.96 -0.24
CA ILE A 343 -4.87 21.92 -0.58
C ILE A 343 -5.72 22.34 -1.77
N ILE A 344 -6.15 23.61 -1.78
CA ILE A 344 -6.95 24.12 -2.88
C ILE A 344 -6.18 23.98 -4.19
N LYS A 345 -4.90 24.39 -4.17
CA LYS A 345 -4.11 24.31 -5.40
C LYS A 345 -3.77 22.87 -5.77
N ASN A 346 -3.62 21.97 -4.81
CA ASN A 346 -3.39 20.56 -5.14
C ASN A 346 -4.60 19.97 -5.83
N ASN A 347 -5.80 20.20 -5.29
CA ASN A 347 -7.01 19.76 -5.97
C ASN A 347 -7.14 20.42 -7.33
N LEU A 348 -6.82 21.70 -7.41
CA LEU A 348 -6.89 22.43 -8.67
C LEU A 348 -5.98 21.81 -9.71
N LYS A 349 -4.80 21.33 -9.31
CA LYS A 349 -3.90 20.65 -10.22
C LYS A 349 -4.37 19.25 -10.56
N ASP A 350 -5.07 18.58 -9.64
CA ASP A 350 -5.53 17.23 -9.91
C ASP A 350 -6.65 17.21 -10.95
N CYS A 351 -7.52 18.22 -10.92
CA CYS A 351 -8.68 18.26 -11.81
C CYS A 351 -8.45 19.11 -13.05
N GLY A 352 -7.21 19.53 -13.30
CA GLY A 352 -6.85 20.15 -14.56
C GLY A 352 -7.09 21.65 -14.65
N LEU A 353 -7.72 22.26 -13.64
CA LEU A 353 -7.97 23.69 -13.72
C LEU A 353 -6.67 24.50 -13.70
N PHE A 354 -5.69 24.06 -12.93
CA PHE A 354 -4.44 24.81 -12.77
C PHE A 354 -3.53 24.59 -13.98
N LEU B 9 50.43 11.20 19.40
CA LEU B 9 49.10 11.27 18.74
C LEU B 9 49.21 10.96 17.25
N ASP B 10 50.02 11.75 16.54
CA ASP B 10 50.23 11.50 15.11
C ASP B 10 50.89 10.16 14.88
N GLN B 11 51.70 9.70 15.83
CA GLN B 11 52.34 8.39 15.69
C GLN B 11 51.29 7.28 15.63
N LEU B 12 50.19 7.43 16.39
CA LEU B 12 49.11 6.46 16.31
C LEU B 12 48.47 6.46 14.92
N ARG B 13 48.32 7.64 14.33
CA ARG B 13 47.79 7.70 12.97
C ARG B 13 48.74 7.02 11.99
N GLN B 14 50.04 7.23 12.16
CA GLN B 14 51.01 6.54 11.31
C GLN B 14 50.91 5.04 11.47
N GLU B 15 50.74 4.57 12.72
CA GLU B 15 50.60 3.14 12.96
C GLU B 15 49.34 2.59 12.29
N ALA B 16 48.24 3.35 12.36
CA ALA B 16 47.00 2.93 11.71
C ALA B 16 47.19 2.84 10.20
N GLU B 17 47.87 3.83 9.61
CA GLU B 17 48.13 3.79 8.18
C GLU B 17 49.00 2.59 7.82
N GLN B 18 50.01 2.31 8.63
CA GLN B 18 50.86 1.15 8.37
C GLN B 18 50.07 -0.14 8.44
N LEU B 19 49.18 -0.27 9.43
CA LEU B 19 48.37 -1.47 9.55
C LEU B 19 47.43 -1.62 8.35
N LYS B 20 46.83 -0.51 7.91
CA LYS B 20 45.98 -0.56 6.72
C LYS B 20 46.78 -0.99 5.50
N ASN B 21 47.99 -0.46 5.35
CA ASN B 21 48.83 -0.86 4.22
C ASN B 21 49.18 -2.34 4.30
N GLN B 22 49.47 -2.84 5.50
CA GLN B 22 49.78 -4.26 5.66
C GLN B 22 48.59 -5.12 5.27
N ILE B 23 47.39 -4.75 5.72
CA ILE B 23 46.19 -5.50 5.38
C ILE B 23 45.98 -5.49 3.87
N ARG B 24 46.14 -4.32 3.25
CA ARG B 24 45.95 -4.21 1.80
C ARG B 24 46.95 -5.09 1.06
N ASP B 25 48.22 -5.07 1.50
CA ASP B 25 49.23 -5.90 0.84
C ASP B 25 48.92 -7.37 0.99
N ALA B 26 48.50 -7.79 2.18
CA ALA B 26 48.17 -9.21 2.38
C ALA B 26 47.00 -9.62 1.50
N ARG B 27 45.96 -8.79 1.43
CA ARG B 27 44.81 -9.12 0.61
C ARG B 27 45.19 -9.18 -0.87
N LYS B 28 46.03 -8.24 -1.32
CA LYS B 28 46.48 -8.27 -2.71
C LYS B 28 47.27 -9.53 -3.00
N ALA B 29 48.12 -9.94 -2.06
CA ALA B 29 48.89 -11.18 -2.25
C ALA B 29 47.95 -12.38 -2.33
N CYS B 30 46.91 -12.40 -1.49
CA CYS B 30 45.95 -13.50 -1.52
C CYS B 30 45.19 -13.57 -2.84
N ALA B 31 45.08 -12.46 -3.57
CA ALA B 31 44.33 -12.41 -4.82
C ALA B 31 45.13 -13.10 -5.94
N ASP B 32 45.24 -14.41 -5.83
CA ASP B 32 45.99 -15.20 -6.80
C ASP B 32 45.17 -15.56 -8.03
N ALA B 33 43.85 -15.34 -8.00
CA ALA B 33 43.01 -15.69 -9.14
C ALA B 33 41.67 -14.99 -8.99
N THR B 34 41.25 -14.26 -10.02
CA THR B 34 39.94 -13.61 -9.99
C THR B 34 38.84 -14.66 -10.06
N LEU B 35 37.69 -14.34 -9.46
CA LEU B 35 36.57 -15.27 -9.49
C LEU B 35 36.10 -15.52 -10.92
N SER B 36 36.08 -14.48 -11.75
CA SER B 36 35.65 -14.63 -13.13
C SER B 36 36.54 -15.60 -13.89
N GLN B 37 37.86 -15.52 -13.67
CA GLN B 37 38.78 -16.38 -14.40
C GLN B 37 38.45 -17.85 -14.20
N ILE B 38 37.99 -18.22 -13.00
CA ILE B 38 37.74 -19.62 -12.71
C ILE B 38 36.29 -20.01 -12.97
N THR B 39 35.34 -19.08 -12.85
CA THR B 39 33.93 -19.38 -13.08
C THR B 39 33.51 -19.18 -14.53
N ASN B 40 34.43 -18.78 -15.41
CA ASN B 40 34.06 -18.57 -16.81
C ASN B 40 33.68 -19.87 -17.50
N ASN B 41 34.35 -20.96 -17.12
CA ASN B 41 34.19 -22.22 -17.85
C ASN B 41 32.75 -22.74 -17.75
N ILE B 42 32.14 -22.63 -16.57
CA ILE B 42 30.83 -23.24 -16.32
C ILE B 42 29.82 -22.70 -17.32
N ASP B 43 28.78 -23.47 -17.60
CA ASP B 43 27.77 -23.07 -18.56
C ASP B 43 26.95 -21.92 -18.00
N PRO B 44 26.78 -20.83 -18.76
CA PRO B 44 26.01 -19.70 -18.23
C PRO B 44 24.55 -20.05 -18.04
N VAL B 45 23.90 -19.38 -17.10
CA VAL B 45 22.47 -19.52 -16.88
C VAL B 45 21.74 -18.68 -17.91
N GLY B 46 20.76 -19.27 -18.57
CA GLY B 46 20.00 -18.55 -19.57
C GLY B 46 19.06 -17.52 -18.95
N ARG B 47 18.41 -16.76 -19.82
CA ARG B 47 17.50 -15.72 -19.36
C ARG B 47 16.45 -16.33 -18.43
N ILE B 48 16.23 -15.66 -17.30
CA ILE B 48 15.33 -16.14 -16.26
C ILE B 48 14.03 -15.35 -16.40
N GLN B 49 13.00 -16.00 -16.93
CA GLN B 49 11.69 -15.39 -17.09
C GLN B 49 10.84 -15.78 -15.89
N MET B 50 10.39 -14.79 -15.13
CA MET B 50 9.56 -14.99 -13.95
C MET B 50 8.28 -14.19 -14.09
N ARG B 51 7.15 -14.83 -13.81
CA ARG B 51 5.84 -14.18 -13.89
C ARG B 51 5.34 -13.89 -12.48
N THR B 52 4.55 -12.82 -12.35
CA THR B 52 3.97 -12.45 -11.07
C THR B 52 2.81 -13.40 -10.77
N ARG B 53 3.13 -14.51 -10.10
CA ARG B 53 2.11 -15.50 -9.81
C ARG B 53 1.00 -14.91 -8.95
N ARG B 54 1.35 -14.10 -7.96
CA ARG B 54 0.38 -13.43 -7.12
C ARG B 54 0.75 -11.97 -6.98
N THR B 55 -0.25 -11.15 -6.70
CA THR B 55 -0.06 -9.73 -6.46
C THR B 55 -0.73 -9.39 -5.13
N LEU B 56 0.06 -9.23 -4.08
CA LEU B 56 -0.45 -8.96 -2.76
C LEU B 56 -0.65 -7.45 -2.60
N ARG B 57 -1.89 -7.01 -2.66
CA ARG B 57 -2.23 -5.60 -2.57
C ARG B 57 -3.06 -5.34 -1.32
N GLY B 58 -3.08 -4.08 -0.90
CA GLY B 58 -3.78 -3.70 0.32
C GLY B 58 -3.08 -2.59 1.08
N HIS B 59 -1.77 -2.48 0.91
CA HIS B 59 -1.05 -1.36 1.49
C HIS B 59 -1.40 -0.07 0.76
N LEU B 60 -1.48 1.03 1.51
CA LEU B 60 -1.85 2.32 0.96
C LEU B 60 -0.67 3.28 0.86
N ALA B 61 0.55 2.82 1.09
CA ALA B 61 1.72 3.68 1.04
C ALA B 61 2.93 2.82 0.70
N LYS B 62 4.12 3.42 0.81
CA LYS B 62 5.33 2.75 0.37
C LYS B 62 5.62 1.52 1.23
N ILE B 63 5.96 0.42 0.57
CA ILE B 63 6.48 -0.75 1.28
C ILE B 63 7.95 -0.51 1.57
N TYR B 64 8.36 -0.74 2.82
CA TYR B 64 9.73 -0.46 3.23
C TYR B 64 10.51 -1.69 3.64
N ALA B 65 9.85 -2.82 3.87
CA ALA B 65 10.57 -4.06 4.17
C ALA B 65 9.56 -5.20 4.24
N MET B 66 10.06 -6.41 4.03
CA MET B 66 9.25 -7.61 4.15
C MET B 66 10.15 -8.77 4.53
N HIS B 67 9.55 -9.82 5.10
CA HIS B 67 10.30 -10.99 5.50
C HIS B 67 9.45 -12.23 5.29
N TRP B 68 10.10 -13.35 5.00
CA TRP B 68 9.41 -14.62 4.79
C TRP B 68 9.39 -15.43 6.07
N GLY B 69 8.24 -16.02 6.39
CA GLY B 69 8.20 -16.98 7.47
C GLY B 69 9.00 -18.22 7.13
N THR B 70 9.44 -18.92 8.18
CA THR B 70 10.27 -20.10 7.97
C THR B 70 9.54 -21.21 7.23
N ASP B 71 8.21 -21.17 7.19
CA ASP B 71 7.43 -22.17 6.49
C ASP B 71 7.27 -21.87 5.00
N SER B 72 7.84 -20.76 4.53
CA SER B 72 7.86 -20.37 3.13
C SER B 72 6.51 -19.93 2.60
N ARG B 73 5.48 -19.88 3.43
CA ARG B 73 4.13 -19.53 3.00
C ARG B 73 3.69 -18.16 3.50
N LEU B 74 3.89 -17.86 4.77
CA LEU B 74 3.50 -16.59 5.35
C LEU B 74 4.62 -15.58 5.21
N LEU B 75 4.25 -14.33 4.90
CA LEU B 75 5.23 -13.26 4.80
C LEU B 75 4.66 -11.97 5.39
N VAL B 76 5.48 -11.26 6.15
CA VAL B 76 5.06 -10.00 6.76
C VAL B 76 5.68 -8.85 5.97
N SER B 77 4.87 -7.82 5.71
CA SER B 77 5.33 -6.64 5.01
C SER B 77 4.95 -5.38 5.80
N ALA B 78 5.84 -4.39 5.77
CA ALA B 78 5.69 -3.16 6.52
C ALA B 78 5.67 -1.97 5.58
N SER B 79 4.88 -0.96 5.91
CA SER B 79 4.71 0.20 5.04
C SER B 79 4.47 1.44 5.88
N GLN B 80 4.59 2.60 5.23
CA GLN B 80 4.53 3.87 5.94
C GLN B 80 3.13 4.25 6.39
N ASP B 81 2.10 3.49 5.94
CA ASP B 81 0.73 3.75 6.35
C ASP B 81 0.53 3.37 7.81
N GLY B 82 1.48 2.67 8.42
CA GLY B 82 1.40 2.25 9.81
C GLY B 82 0.73 0.91 9.97
N LYS B 83 1.07 -0.04 9.12
CA LYS B 83 0.49 -1.38 9.16
C LYS B 83 1.53 -2.43 8.87
N LEU B 84 1.50 -3.52 9.63
CA LEU B 84 2.20 -4.75 9.28
C LEU B 84 1.16 -5.74 8.80
N ILE B 85 1.32 -6.23 7.57
CA ILE B 85 0.36 -7.17 6.99
C ILE B 85 1.04 -8.51 6.86
N ILE B 86 0.39 -9.56 7.37
CA ILE B 86 0.91 -10.92 7.32
C ILE B 86 0.13 -11.66 6.26
N TRP B 87 0.67 -11.70 5.04
CA TRP B 87 0.00 -12.34 3.93
C TRP B 87 0.26 -13.83 3.91
N ASP B 88 -0.77 -14.58 3.52
CA ASP B 88 -0.61 -15.97 3.10
C ASP B 88 -0.32 -15.96 1.61
N SER B 89 0.90 -16.34 1.24
CA SER B 89 1.31 -16.25 -0.16
C SER B 89 0.44 -17.09 -1.07
N TYR B 90 0.14 -18.32 -0.65
CA TYR B 90 -0.56 -19.26 -1.52
C TYR B 90 -1.97 -18.80 -1.85
N THR B 91 -2.52 -17.86 -1.10
CA THR B 91 -3.89 -17.40 -1.32
C THR B 91 -4.04 -15.88 -1.33
N THR B 92 -3.09 -15.13 -0.78
CA THR B 92 -3.13 -13.68 -0.72
C THR B 92 -4.11 -13.15 0.33
N ASN B 93 -4.42 -13.95 1.34
CA ASN B 93 -5.27 -13.49 2.43
C ASN B 93 -4.45 -12.74 3.46
N LYS B 94 -5.11 -11.83 4.18
CA LYS B 94 -4.48 -11.10 5.28
C LYS B 94 -4.68 -11.91 6.55
N VAL B 95 -3.67 -12.69 6.93
CA VAL B 95 -3.75 -13.45 8.17
C VAL B 95 -3.84 -12.50 9.36
N HIS B 96 -3.04 -11.44 9.34
CA HIS B 96 -3.01 -10.46 10.42
C HIS B 96 -2.75 -9.08 9.83
N ALA B 97 -3.25 -8.06 10.51
CA ALA B 97 -3.01 -6.65 10.16
C ALA B 97 -2.75 -5.89 11.45
N ILE B 98 -1.48 -5.80 11.83
CA ILE B 98 -1.08 -5.14 13.08
C ILE B 98 -0.97 -3.64 12.83
N PRO B 99 -1.69 -2.80 13.58
CA PRO B 99 -1.50 -1.35 13.44
C PRO B 99 -0.34 -0.87 14.31
N LEU B 100 0.58 -0.13 13.70
CA LEU B 100 1.77 0.31 14.40
C LEU B 100 1.52 1.63 15.13
N ARG B 101 2.25 1.85 16.24
CA ARG B 101 2.10 3.11 16.99
C ARG B 101 2.78 4.23 16.23
N SER B 102 3.98 3.99 15.66
CA SER B 102 4.67 4.98 14.84
C SER B 102 4.72 4.46 13.42
N SER B 103 4.15 5.21 12.48
CA SER B 103 4.01 4.74 11.12
C SER B 103 5.30 4.82 10.31
N TRP B 104 6.37 5.36 10.88
CA TRP B 104 7.64 5.50 10.17
C TRP B 104 8.49 4.23 10.35
N VAL B 105 7.99 3.15 9.77
CA VAL B 105 8.61 1.83 9.91
C VAL B 105 9.53 1.60 8.71
N MET B 106 10.80 1.29 9.00
CA MET B 106 11.80 1.08 7.97
C MET B 106 12.27 -0.35 7.85
N THR B 107 11.79 -1.25 8.71
CA THR B 107 12.20 -2.65 8.64
C THR B 107 11.19 -3.50 9.38
N CYS B 108 11.24 -4.81 9.10
CA CYS B 108 10.39 -5.78 9.77
C CYS B 108 11.09 -7.14 9.74
N ALA B 109 10.65 -8.02 10.62
CA ALA B 109 11.26 -9.35 10.73
C ALA B 109 10.20 -10.35 11.17
N TYR B 110 10.42 -11.61 10.79
CA TYR B 110 9.53 -12.71 11.13
C TYR B 110 10.33 -13.74 11.92
N ALA B 111 9.90 -14.03 13.14
CA ALA B 111 10.67 -14.91 14.01
C ALA B 111 10.80 -16.28 13.37
N PRO B 112 11.93 -16.97 13.52
CA PRO B 112 12.08 -18.28 12.89
C PRO B 112 11.00 -19.26 13.29
N SER B 113 10.59 -19.25 14.56
CA SER B 113 9.53 -20.13 15.01
C SER B 113 8.15 -19.68 14.52
N GLY B 114 8.04 -18.43 14.06
CA GLY B 114 6.77 -17.89 13.60
C GLY B 114 5.90 -17.29 14.67
N ASN B 115 6.30 -17.36 15.94
CA ASN B 115 5.48 -16.78 17.01
C ASN B 115 5.50 -15.26 16.95
N TYR B 116 6.68 -14.67 16.82
CA TYR B 116 6.87 -13.23 16.99
C TYR B 116 7.21 -12.57 15.65
N VAL B 117 6.86 -11.29 15.56
CA VAL B 117 7.20 -10.46 14.41
C VAL B 117 7.66 -9.11 14.94
N ALA B 118 8.83 -8.64 14.50
CA ALA B 118 9.40 -7.41 15.00
C ALA B 118 9.44 -6.35 13.90
N CYS B 119 9.42 -5.08 14.31
CA CYS B 119 9.53 -3.98 13.37
C CYS B 119 10.05 -2.74 14.08
N GLY B 120 10.76 -1.90 13.33
CA GLY B 120 11.32 -0.67 13.88
C GLY B 120 11.44 0.39 12.82
N GLY B 121 11.82 1.58 13.26
CA GLY B 121 11.95 2.70 12.34
C GLY B 121 12.46 3.97 12.96
N LEU B 122 11.92 5.12 12.55
CA LEU B 122 12.41 6.41 13.03
C LEU B 122 12.13 6.62 14.50
N ASP B 123 11.27 5.81 15.11
CA ASP B 123 11.01 5.96 16.54
C ASP B 123 12.19 5.51 17.39
N ASN B 124 13.22 4.89 16.78
CA ASN B 124 14.40 4.40 17.47
C ASN B 124 14.09 3.21 18.38
N ILE B 125 12.94 2.57 18.18
CA ILE B 125 12.47 1.51 19.07
C ILE B 125 12.09 0.30 18.23
N CYS B 126 12.58 -0.87 18.62
CA CYS B 126 12.23 -2.13 17.98
C CYS B 126 11.08 -2.75 18.75
N SER B 127 9.91 -2.84 18.12
CA SER B 127 8.73 -3.41 18.77
C SER B 127 8.58 -4.87 18.37
N ILE B 128 8.34 -5.73 19.36
CA ILE B 128 8.10 -7.14 19.17
C ILE B 128 6.62 -7.40 19.36
N TYR B 129 5.98 -8.06 18.40
CA TYR B 129 4.56 -8.37 18.44
C TYR B 129 4.40 -9.88 18.53
N ASN B 130 3.56 -10.33 19.46
CA ASN B 130 3.32 -11.73 19.71
C ASN B 130 2.08 -12.17 18.92
N LEU B 131 2.25 -13.19 18.08
CA LEU B 131 1.15 -13.64 17.22
C LEU B 131 0.34 -14.76 17.86
N LYS B 132 1.01 -15.81 18.32
CA LYS B 132 0.34 -16.95 18.95
C LYS B 132 -0.03 -16.59 20.39
N THR B 133 -1.13 -15.86 20.52
CA THR B 133 -1.62 -15.38 21.80
C THR B 133 -3.02 -15.88 22.05
N ARG B 134 -3.32 -16.22 23.31
CA ARG B 134 -4.60 -16.82 23.65
C ARG B 134 -5.75 -15.86 23.33
N GLU B 135 -5.58 -14.58 23.65
CA GLU B 135 -6.66 -13.62 23.47
C GLU B 135 -7.04 -13.46 22.01
N GLY B 136 -6.18 -13.85 21.07
CA GLY B 136 -6.50 -13.80 19.66
C GLY B 136 -6.15 -12.52 18.95
N ASN B 137 -5.67 -11.50 19.66
CA ASN B 137 -5.25 -10.25 19.05
C ASN B 137 -3.75 -10.06 19.22
N VAL B 138 -3.09 -9.67 18.15
CA VAL B 138 -1.64 -9.48 18.17
C VAL B 138 -1.34 -8.26 19.04
N ARG B 139 -0.73 -8.49 20.20
CA ARG B 139 -0.40 -7.44 21.16
C ARG B 139 1.11 -7.33 21.27
N VAL B 140 1.61 -6.10 21.34
CA VAL B 140 3.05 -5.84 21.42
C VAL B 140 3.60 -6.58 22.64
N SER B 141 4.70 -7.31 22.44
CA SER B 141 5.32 -8.04 23.55
C SER B 141 6.29 -7.15 24.30
N ARG B 142 7.11 -6.39 23.58
CA ARG B 142 8.09 -5.51 24.23
C ARG B 142 8.52 -4.43 23.24
N GLU B 143 9.09 -3.37 23.78
CA GLU B 143 9.67 -2.28 23.01
C GLU B 143 11.11 -2.10 23.45
N LEU B 144 12.06 -2.41 22.57
CA LEU B 144 13.48 -2.43 22.91
C LEU B 144 14.09 -1.05 22.68
N ALA B 145 13.78 -0.14 23.59
CA ALA B 145 14.37 1.19 23.54
C ALA B 145 15.82 1.14 23.99
N GLY B 146 16.60 2.10 23.53
CA GLY B 146 18.01 2.14 23.87
C GLY B 146 18.89 2.66 22.75
N HIS B 147 18.37 2.70 21.53
CA HIS B 147 19.11 3.23 20.41
C HIS B 147 18.94 4.75 20.32
N THR B 148 19.89 5.39 19.63
CA THR B 148 19.87 6.83 19.41
C THR B 148 19.72 7.18 17.94
N GLY B 149 19.63 6.21 17.04
CA GLY B 149 19.39 6.48 15.64
C GLY B 149 18.35 5.52 15.09
N TYR B 150 17.70 5.96 14.01
CA TYR B 150 16.63 5.18 13.42
C TYR B 150 17.06 3.73 13.24
N LEU B 151 16.12 2.80 13.39
CA LEU B 151 16.40 1.40 13.17
C LEU B 151 16.29 1.08 11.69
N SER B 152 17.32 0.43 11.14
CA SER B 152 17.35 0.13 9.72
C SER B 152 17.19 -1.35 9.40
N CYS B 153 17.32 -2.24 10.39
CA CYS B 153 17.16 -3.66 10.12
C CYS B 153 17.04 -4.41 11.44
N CYS B 154 16.15 -5.41 11.46
CA CYS B 154 15.96 -6.29 12.60
C CYS B 154 15.89 -7.73 12.10
N ARG B 155 16.51 -8.64 12.85
CA ARG B 155 16.50 -10.07 12.50
C ARG B 155 16.51 -10.88 13.78
N PHE B 156 15.53 -11.78 13.91
CA PHE B 156 15.42 -12.61 15.11
C PHE B 156 16.52 -13.66 15.12
N LEU B 157 17.46 -13.53 16.06
CA LEU B 157 18.41 -14.60 16.30
C LEU B 157 17.75 -15.79 16.95
N ASP B 158 16.65 -15.57 17.65
CA ASP B 158 15.93 -16.61 18.39
C ASP B 158 14.66 -16.00 18.94
N ASP B 159 13.80 -16.85 19.50
CA ASP B 159 12.61 -16.33 20.16
C ASP B 159 12.95 -15.54 21.41
N ASN B 160 14.16 -15.73 21.95
CA ASN B 160 14.55 -15.07 23.19
C ASN B 160 15.40 -13.83 22.97
N GLN B 161 16.22 -13.80 21.93
CA GLN B 161 17.12 -12.67 21.70
C GLN B 161 17.18 -12.36 20.22
N ILE B 162 17.44 -11.08 19.90
CA ILE B 162 17.48 -10.61 18.54
C ILE B 162 18.65 -9.66 18.37
N VAL B 163 18.86 -9.23 17.12
CA VAL B 163 19.95 -8.31 16.78
C VAL B 163 19.38 -7.17 15.94
N THR B 164 19.81 -5.95 16.24
CA THR B 164 19.25 -4.77 15.62
C THR B 164 20.37 -3.84 15.16
N SER B 165 20.17 -3.22 14.01
CA SER B 165 21.11 -2.25 13.46
C SER B 165 20.43 -0.89 13.36
N SER B 166 21.15 0.15 13.77
CA SER B 166 20.58 1.49 13.88
C SER B 166 21.43 2.46 13.07
N GLY B 167 20.92 3.68 12.96
CA GLY B 167 21.59 4.71 12.20
C GLY B 167 22.52 5.56 13.04
N ASP B 168 22.87 5.09 14.24
CA ASP B 168 23.81 5.83 15.08
C ASP B 168 25.11 5.07 15.16
N THR B 169 25.58 4.33 14.11
CA THR B 169 26.87 3.68 14.04
C THR B 169 26.96 2.49 14.99
N THR B 170 25.87 2.19 15.71
CA THR B 170 25.89 1.08 16.65
C THR B 170 24.97 -0.03 16.18
N CYS B 171 25.40 -1.26 16.47
CA CYS B 171 24.55 -2.44 16.33
C CYS B 171 24.41 -3.05 17.71
N ALA B 172 23.38 -3.88 17.92
CA ALA B 172 23.12 -4.37 19.26
C ALA B 172 22.54 -5.76 19.21
N LEU B 173 22.75 -6.50 20.28
CA LEU B 173 22.09 -7.78 20.54
C LEU B 173 21.27 -7.63 21.81
N TRP B 174 19.96 -7.83 21.67
CA TRP B 174 18.98 -7.62 22.71
C TRP B 174 18.44 -8.94 23.24
N ASP B 175 18.20 -8.98 24.55
CA ASP B 175 17.47 -10.06 25.18
C ASP B 175 16.02 -9.63 25.31
N ILE B 176 15.12 -10.38 24.69
CA ILE B 176 13.72 -9.97 24.63
C ILE B 176 13.03 -10.04 25.99
N GLU B 177 13.30 -11.08 26.79
CA GLU B 177 12.64 -11.19 28.08
C GLU B 177 13.09 -10.11 29.05
N THR B 178 14.37 -9.73 29.01
CA THR B 178 14.89 -8.69 29.88
C THR B 178 14.64 -7.29 29.33
N GLY B 179 14.54 -7.16 28.00
CA GLY B 179 14.26 -5.88 27.40
C GLY B 179 15.45 -4.93 27.35
N GLN B 180 16.66 -5.44 27.54
CA GLN B 180 17.85 -4.61 27.51
C GLN B 180 18.88 -5.26 26.59
N GLN B 181 19.70 -4.42 25.96
CA GLN B 181 20.67 -4.91 25.00
C GLN B 181 21.82 -5.59 25.75
N THR B 182 21.95 -6.90 25.53
CA THR B 182 23.01 -7.64 26.21
C THR B 182 24.38 -7.37 25.60
N THR B 183 24.44 -7.07 24.31
CA THR B 183 25.73 -6.77 23.68
C THR B 183 25.58 -5.54 22.80
N THR B 184 26.63 -4.73 22.73
CA THR B 184 26.67 -3.56 21.86
C THR B 184 27.90 -3.64 20.98
N PHE B 185 27.67 -3.66 19.66
CA PHE B 185 28.75 -3.69 18.68
C PHE B 185 28.98 -2.28 18.17
N THR B 186 30.22 -1.82 18.29
CA THR B 186 30.61 -0.48 17.87
C THR B 186 31.86 -0.59 17.01
N GLY B 187 32.08 0.40 16.15
CA GLY B 187 33.22 0.40 15.26
C GLY B 187 32.92 1.00 13.91
N HIS B 188 31.64 1.18 13.60
CA HIS B 188 31.27 1.80 12.34
C HIS B 188 31.51 3.32 12.41
N THR B 189 31.88 3.88 11.26
CA THR B 189 32.11 5.31 11.13
C THR B 189 30.87 6.08 10.74
N GLY B 190 29.78 5.41 10.43
CA GLY B 190 28.56 6.07 10.01
C GLY B 190 27.35 5.20 10.26
N ASP B 191 26.23 5.61 9.69
CA ASP B 191 24.98 4.90 9.91
C ASP B 191 25.06 3.48 9.38
N VAL B 192 24.44 2.55 10.11
CA VAL B 192 24.33 1.17 9.70
C VAL B 192 22.95 0.96 9.09
N MET B 193 22.92 0.47 7.85
CA MET B 193 21.68 0.40 7.09
C MET B 193 21.13 -1.00 6.91
N SER B 194 21.97 -2.03 7.00
CA SER B 194 21.51 -3.38 6.72
C SER B 194 22.23 -4.36 7.63
N LEU B 195 21.66 -5.56 7.74
CA LEU B 195 22.16 -6.59 8.63
C LEU B 195 21.57 -7.93 8.22
N SER B 196 22.36 -8.99 8.36
CA SER B 196 21.92 -10.33 7.99
C SER B 196 22.68 -11.36 8.79
N LEU B 197 21.95 -12.19 9.52
CA LEU B 197 22.58 -13.22 10.35
C LEU B 197 23.17 -14.31 9.47
N ALA B 198 24.16 -15.01 10.02
CA ALA B 198 24.77 -16.12 9.32
C ALA B 198 23.86 -17.34 9.40
N PRO B 199 24.00 -18.29 8.47
CA PRO B 199 23.21 -19.52 8.55
C PRO B 199 23.41 -20.27 9.85
N ASP B 200 24.63 -20.29 10.39
CA ASP B 200 24.89 -20.95 11.66
C ASP B 200 24.40 -20.14 12.85
N THR B 201 24.05 -18.87 12.66
CA THR B 201 23.48 -17.99 13.68
C THR B 201 24.52 -17.51 14.68
N ARG B 202 25.79 -17.80 14.47
CA ARG B 202 26.84 -17.34 15.38
C ARG B 202 27.46 -16.02 14.96
N LEU B 203 27.60 -15.78 13.67
CA LEU B 203 28.15 -14.55 13.13
C LEU B 203 27.06 -13.79 12.39
N PHE B 204 27.28 -12.50 12.20
CA PHE B 204 26.43 -11.72 11.32
C PHE B 204 27.25 -10.59 10.70
N VAL B 205 26.65 -9.89 9.74
CA VAL B 205 27.34 -8.85 9.00
C VAL B 205 26.44 -7.63 8.91
N SER B 206 27.06 -6.45 8.95
CA SER B 206 26.34 -5.19 8.86
C SER B 206 27.05 -4.26 7.89
N GLY B 207 26.27 -3.62 7.01
CA GLY B 207 26.80 -2.64 6.07
C GLY B 207 26.39 -1.25 6.50
N ALA B 208 27.30 -0.29 6.35
CA ALA B 208 27.08 1.06 6.87
C ALA B 208 27.29 2.09 5.78
N CYS B 209 26.69 3.27 5.99
CA CYS B 209 26.87 4.38 5.07
C CYS B 209 28.30 4.90 5.04
N ASP B 210 29.19 4.35 5.86
CA ASP B 210 30.61 4.64 5.72
C ASP B 210 31.25 3.85 4.59
N ALA B 211 30.44 3.20 3.75
CA ALA B 211 30.94 2.47 2.58
C ALA B 211 31.80 1.28 3.00
N SER B 212 31.34 0.56 4.02
CA SER B 212 32.07 -0.61 4.50
C SER B 212 31.12 -1.57 5.20
N ALA B 213 31.53 -2.83 5.25
CA ALA B 213 30.80 -3.89 5.92
C ALA B 213 31.65 -4.45 7.05
N LYS B 214 30.99 -4.94 8.08
CA LYS B 214 31.65 -5.46 9.27
C LYS B 214 31.10 -6.85 9.59
N LEU B 215 31.99 -7.77 9.95
CA LEU B 215 31.61 -9.10 10.40
C LEU B 215 31.72 -9.17 11.91
N TRP B 216 30.59 -9.42 12.57
CA TRP B 216 30.49 -9.39 14.03
C TRP B 216 30.23 -10.79 14.56
N ASP B 217 30.98 -11.17 15.58
CA ASP B 217 30.71 -12.38 16.34
C ASP B 217 29.75 -12.03 17.48
N VAL B 218 28.57 -12.66 17.47
CA VAL B 218 27.52 -12.26 18.41
C VAL B 218 27.94 -12.49 19.84
N ARG B 219 28.50 -13.66 20.15
CA ARG B 219 28.83 -13.99 21.52
C ARG B 219 30.09 -13.27 21.99
N GLU B 220 31.12 -13.20 21.13
CA GLU B 220 32.34 -12.50 21.52
C GLU B 220 32.07 -11.02 21.76
N GLY B 221 31.26 -10.40 20.89
CA GLY B 221 30.86 -9.02 21.07
C GLY B 221 31.61 -8.01 20.26
N MET B 222 32.68 -8.41 19.56
CA MET B 222 33.52 -7.48 18.81
C MET B 222 33.67 -7.97 17.37
N CYS B 223 33.85 -7.02 16.46
CA CYS B 223 34.02 -7.33 15.05
C CYS B 223 35.19 -8.28 14.85
N ARG B 224 35.18 -8.97 13.71
CA ARG B 224 36.28 -9.82 13.29
C ARG B 224 36.97 -9.33 12.03
N GLN B 225 36.22 -8.88 11.04
CA GLN B 225 36.78 -8.39 9.79
C GLN B 225 35.98 -7.21 9.28
N THR B 226 36.64 -6.37 8.49
CA THR B 226 36.02 -5.24 7.82
C THR B 226 36.29 -5.34 6.33
N PHE B 227 35.26 -5.13 5.52
CA PHE B 227 35.34 -5.27 4.07
C PHE B 227 35.04 -3.93 3.44
N THR B 228 35.91 -3.48 2.55
CA THR B 228 35.80 -2.20 1.86
C THR B 228 35.80 -2.44 0.35
N GLY B 229 35.44 -1.40 -0.39
CA GLY B 229 35.43 -1.47 -1.84
C GLY B 229 34.32 -0.68 -2.48
N HIS B 230 33.33 -0.27 -1.70
CA HIS B 230 32.21 0.49 -2.22
C HIS B 230 32.55 1.97 -2.31
N GLU B 231 31.93 2.65 -3.27
CA GLU B 231 32.12 4.08 -3.45
C GLU B 231 31.12 4.92 -2.67
N SER B 232 30.05 4.32 -2.16
CA SER B 232 28.99 5.08 -1.51
C SER B 232 28.37 4.21 -0.43
N ASP B 233 27.19 4.62 0.04
CA ASP B 233 26.55 3.96 1.17
C ASP B 233 26.08 2.56 0.80
N ILE B 234 26.11 1.66 1.77
CA ILE B 234 25.59 0.31 1.60
C ILE B 234 24.17 0.27 2.14
N ASN B 235 23.22 -0.14 1.30
CA ASN B 235 21.81 -0.16 1.68
C ASN B 235 21.28 -1.55 1.96
N ALA B 236 22.02 -2.61 1.62
CA ALA B 236 21.50 -3.96 1.73
C ALA B 236 22.64 -4.94 1.93
N ILE B 237 22.36 -6.01 2.67
CA ILE B 237 23.30 -7.11 2.87
C ILE B 237 22.51 -8.41 2.90
N CYS B 238 23.16 -9.50 2.50
CA CYS B 238 22.62 -10.83 2.64
C CYS B 238 23.76 -11.83 2.69
N PHE B 239 23.56 -12.91 3.42
CA PHE B 239 24.57 -13.96 3.51
C PHE B 239 24.39 -14.97 2.37
N PHE B 240 25.49 -15.32 1.72
CA PHE B 240 25.47 -16.43 0.80
C PHE B 240 25.07 -17.69 1.54
N PRO B 241 24.21 -18.54 0.98
CA PRO B 241 23.65 -19.65 1.77
C PRO B 241 24.70 -20.50 2.45
N ASN B 242 25.87 -20.68 1.83
CA ASN B 242 26.94 -21.43 2.46
C ASN B 242 27.37 -20.81 3.78
N GLY B 243 27.13 -19.52 3.98
CA GLY B 243 27.55 -18.84 5.19
C GLY B 243 28.97 -18.34 5.16
N ASN B 244 29.70 -18.56 4.07
CA ASN B 244 31.09 -18.14 3.95
C ASN B 244 31.28 -16.97 3.00
N ALA B 245 30.21 -16.29 2.61
CA ALA B 245 30.31 -15.13 1.73
C ALA B 245 29.03 -14.32 1.87
N PHE B 246 29.10 -13.05 1.46
CA PHE B 246 27.92 -12.22 1.53
C PHE B 246 27.97 -11.14 0.45
N ALA B 247 26.79 -10.74 -0.02
CA ALA B 247 26.66 -9.77 -1.10
C ALA B 247 26.06 -8.48 -0.56
N THR B 248 26.64 -7.35 -0.97
CA THR B 248 26.27 -6.04 -0.48
C THR B 248 25.83 -5.19 -1.66
N GLY B 249 24.71 -4.49 -1.50
CA GLY B 249 24.25 -3.55 -2.51
C GLY B 249 24.37 -2.14 -2.01
N SER B 250 24.91 -1.24 -2.82
CA SER B 250 25.22 0.13 -2.40
C SER B 250 24.54 1.13 -3.32
N ASP B 251 24.78 2.42 -3.06
CA ASP B 251 24.19 3.48 -3.87
C ASP B 251 24.99 3.76 -5.14
N ASP B 252 26.20 3.24 -5.26
CA ASP B 252 27.00 3.47 -6.46
C ASP B 252 26.64 2.53 -7.60
N ALA B 253 25.46 1.90 -7.54
CA ALA B 253 24.91 1.08 -8.60
C ALA B 253 25.68 -0.22 -8.80
N THR B 254 26.41 -0.68 -7.80
CA THR B 254 27.16 -1.93 -7.88
C THR B 254 26.82 -2.82 -6.70
N CYS B 255 26.50 -4.07 -6.99
CA CYS B 255 26.49 -5.11 -5.96
C CYS B 255 27.89 -5.70 -5.88
N ARG B 256 28.21 -6.28 -4.73
CA ARG B 256 29.55 -6.81 -4.52
C ARG B 256 29.50 -8.04 -3.64
N LEU B 257 30.13 -9.12 -4.10
CA LEU B 257 30.22 -10.36 -3.36
C LEU B 257 31.58 -10.41 -2.68
N PHE B 258 31.57 -10.51 -1.35
CA PHE B 258 32.76 -10.61 -0.51
C PHE B 258 32.83 -12.01 0.08
N ASP B 259 34.05 -12.51 0.27
CA ASP B 259 34.30 -13.80 0.88
C ASP B 259 34.96 -13.61 2.24
N LEU B 260 34.43 -14.28 3.26
CA LEU B 260 34.91 -14.06 4.61
C LEU B 260 36.34 -14.56 4.79
N ARG B 261 36.62 -15.79 4.36
CA ARG B 261 37.94 -16.36 4.60
C ARG B 261 39.01 -15.61 3.80
N ALA B 262 38.78 -15.42 2.50
CA ALA B 262 39.74 -14.67 1.69
C ALA B 262 39.83 -13.23 2.17
N ASP B 263 38.75 -12.69 2.73
CA ASP B 263 38.74 -11.36 3.33
C ASP B 263 39.12 -10.29 2.30
N GLN B 264 38.33 -10.23 1.23
CA GLN B 264 38.56 -9.25 0.19
C GLN B 264 37.40 -9.30 -0.80
N GLU B 265 37.38 -8.33 -1.72
CA GLU B 265 36.40 -8.32 -2.79
C GLU B 265 36.51 -9.59 -3.62
N LEU B 266 35.36 -10.23 -3.86
CA LEU B 266 35.29 -11.41 -4.70
C LEU B 266 34.76 -11.09 -6.09
N MET B 267 33.67 -10.34 -6.16
CA MET B 267 33.15 -9.93 -7.46
C MET B 267 32.31 -8.66 -7.31
N THR B 268 32.10 -7.99 -8.44
CA THR B 268 31.25 -6.82 -8.52
C THR B 268 30.29 -6.97 -9.69
N TYR B 269 29.01 -6.69 -9.44
CA TYR B 269 27.96 -6.82 -10.44
C TYR B 269 27.42 -5.41 -10.73
N SER B 270 27.56 -4.99 -11.98
CA SER B 270 27.12 -3.67 -12.40
C SER B 270 26.96 -3.66 -13.91
N HIS B 271 26.24 -2.66 -14.41
CA HIS B 271 26.07 -2.48 -15.84
C HIS B 271 25.98 -0.99 -16.13
N ASP B 272 26.45 -0.60 -17.32
CA ASP B 272 26.52 0.82 -17.65
C ASP B 272 25.14 1.47 -17.63
N ASN B 273 24.14 0.82 -18.21
CA ASN B 273 22.77 1.32 -18.13
C ASN B 273 22.33 1.46 -16.68
N ILE B 274 22.77 0.55 -15.80
CA ILE B 274 22.40 0.58 -14.40
C ILE B 274 23.25 1.68 -13.76
N ILE B 275 22.61 2.79 -13.42
CA ILE B 275 23.31 3.95 -12.87
C ILE B 275 22.82 4.33 -11.48
N CYS B 276 21.73 3.76 -11.00
CA CYS B 276 21.20 4.08 -9.68
C CYS B 276 21.57 2.99 -8.69
N GLY B 277 21.22 3.23 -7.42
CA GLY B 277 21.66 2.36 -6.34
C GLY B 277 20.82 1.11 -6.21
N ILE B 278 21.13 0.33 -5.16
CA ILE B 278 20.45 -0.92 -4.86
C ILE B 278 19.80 -0.76 -3.49
N THR B 279 18.52 -1.11 -3.41
CA THR B 279 17.78 -0.98 -2.16
C THR B 279 17.72 -2.28 -1.36
N SER B 280 17.93 -3.43 -1.99
CA SER B 280 17.80 -4.71 -1.31
C SER B 280 18.35 -5.81 -2.20
N VAL B 281 19.04 -6.76 -1.59
CA VAL B 281 19.59 -7.91 -2.31
C VAL B 281 19.21 -9.18 -1.58
N SER B 282 19.26 -10.29 -2.31
CA SER B 282 18.93 -11.60 -1.75
C SER B 282 19.38 -12.68 -2.72
N PHE B 283 19.79 -13.80 -2.17
CA PHE B 283 20.30 -14.92 -2.96
C PHE B 283 19.19 -15.93 -3.25
N SER B 284 19.52 -16.89 -4.11
CA SER B 284 18.71 -18.07 -4.31
C SER B 284 19.21 -19.19 -3.41
N LYS B 285 18.42 -20.26 -3.32
CA LYS B 285 18.76 -21.34 -2.40
C LYS B 285 20.13 -21.93 -2.72
N SER B 286 20.46 -22.15 -4.01
CA SER B 286 21.75 -22.74 -4.38
C SER B 286 22.85 -21.69 -4.37
N GLY B 287 22.52 -20.40 -4.25
CA GLY B 287 23.52 -19.36 -4.31
C GLY B 287 23.98 -18.99 -5.70
N ARG B 288 23.36 -19.54 -6.74
CA ARG B 288 23.75 -19.24 -8.11
C ARG B 288 23.00 -18.06 -8.69
N LEU B 289 22.01 -17.54 -7.98
CA LEU B 289 21.27 -16.36 -8.42
C LEU B 289 21.27 -15.31 -7.31
N LEU B 290 21.57 -14.07 -7.65
CA LEU B 290 21.54 -12.95 -6.72
C LEU B 290 20.53 -11.93 -7.23
N LEU B 291 19.44 -11.75 -6.49
CA LEU B 291 18.37 -10.86 -6.90
C LEU B 291 18.50 -9.54 -6.15
N ALA B 292 18.68 -8.45 -6.89
CA ALA B 292 18.91 -7.13 -6.31
C ALA B 292 17.87 -6.17 -6.82
N GLY B 293 17.20 -5.48 -5.90
CA GLY B 293 16.20 -4.48 -6.28
C GLY B 293 16.84 -3.12 -6.47
N TYR B 294 16.45 -2.40 -7.52
CA TYR B 294 17.08 -1.14 -7.85
C TYR B 294 16.11 0.03 -7.71
N ASP B 295 16.68 1.24 -7.65
CA ASP B 295 15.85 2.43 -7.56
C ASP B 295 15.14 2.72 -8.87
N ASP B 296 15.49 2.01 -9.94
CA ASP B 296 14.97 2.30 -11.27
C ASP B 296 13.70 1.50 -11.56
N PHE B 297 12.94 1.20 -10.52
CA PHE B 297 11.58 0.68 -10.59
C PHE B 297 11.53 -0.83 -10.85
N ASN B 298 12.66 -1.51 -11.00
CA ASN B 298 12.64 -2.93 -11.31
C ASN B 298 13.84 -3.62 -10.68
N CYS B 299 13.71 -4.94 -10.48
CA CYS B 299 14.74 -5.77 -9.87
C CYS B 299 15.50 -6.53 -10.95
N ASN B 300 16.80 -6.80 -10.70
CA ASN B 300 17.63 -7.57 -11.63
C ASN B 300 18.20 -8.85 -11.00
N VAL B 301 18.12 -9.97 -11.72
CA VAL B 301 18.60 -11.28 -11.27
C VAL B 301 19.94 -11.49 -11.94
N TRP B 302 20.99 -11.61 -11.12
CA TRP B 302 22.37 -11.72 -11.57
C TRP B 302 22.87 -13.15 -11.39
N ASP B 303 23.60 -13.64 -12.37
CA ASP B 303 24.33 -14.90 -12.23
C ASP B 303 25.50 -14.66 -11.30
N ALA B 304 25.34 -15.05 -10.03
CA ALA B 304 26.30 -14.64 -9.00
C ALA B 304 27.70 -15.16 -9.25
N LEU B 305 27.87 -16.18 -10.09
CA LEU B 305 29.19 -16.74 -10.34
C LEU B 305 29.85 -16.16 -11.59
N LYS B 306 29.07 -15.84 -12.62
CA LYS B 306 29.59 -15.23 -13.83
C LYS B 306 29.27 -13.75 -13.94
N ALA B 307 28.49 -13.20 -13.02
CA ALA B 307 28.14 -11.79 -12.96
C ALA B 307 27.19 -11.36 -14.08
N ASP B 308 26.88 -12.25 -15.01
CA ASP B 308 25.99 -11.89 -16.10
C ASP B 308 24.61 -11.52 -15.56
N ARG B 309 24.05 -10.43 -16.07
CA ARG B 309 22.68 -10.05 -15.74
C ARG B 309 21.73 -11.05 -16.38
N ALA B 310 21.18 -11.96 -15.58
CA ALA B 310 20.41 -13.07 -16.10
C ALA B 310 18.95 -12.71 -16.38
N GLY B 311 18.36 -11.81 -15.60
CA GLY B 311 16.96 -11.51 -15.84
C GLY B 311 16.55 -10.21 -15.20
N VAL B 312 15.33 -9.79 -15.51
CA VAL B 312 14.76 -8.56 -14.98
C VAL B 312 13.33 -8.85 -14.53
N LEU B 313 13.01 -8.50 -13.29
CA LEU B 313 11.64 -8.61 -12.79
C LEU B 313 10.96 -7.24 -12.81
N ALA B 314 10.80 -6.72 -14.02
CA ALA B 314 10.25 -5.38 -14.21
C ALA B 314 8.73 -5.47 -14.16
N GLY B 315 8.16 -5.23 -12.98
CA GLY B 315 6.72 -5.24 -12.83
C GLY B 315 6.19 -4.20 -11.88
N HIS B 316 7.06 -3.35 -11.33
CA HIS B 316 6.69 -2.42 -10.28
C HIS B 316 6.57 -1.00 -10.81
N ASP B 317 5.53 -0.31 -10.34
CA ASP B 317 5.23 1.04 -10.79
C ASP B 317 6.20 2.07 -10.19
N ASN B 318 6.73 1.80 -9.01
CA ASN B 318 7.64 2.71 -8.32
C ASN B 318 8.89 1.94 -7.90
N ARG B 319 9.74 2.58 -7.11
CA ARG B 319 10.98 1.98 -6.63
C ARG B 319 10.71 0.66 -5.92
N VAL B 320 11.49 -0.36 -6.27
CA VAL B 320 11.45 -1.61 -5.50
C VAL B 320 12.24 -1.42 -4.23
N SER B 321 11.61 -1.68 -3.09
CA SER B 321 12.18 -1.35 -1.79
C SER B 321 12.68 -2.56 -1.01
N CYS B 322 12.10 -3.74 -1.23
CA CYS B 322 12.49 -4.92 -0.49
C CYS B 322 12.28 -6.15 -1.34
N LEU B 323 13.00 -7.22 -1.04
CA LEU B 323 12.76 -8.49 -1.70
C LEU B 323 13.34 -9.62 -0.86
N GLY B 324 12.75 -10.80 -1.03
CA GLY B 324 13.18 -11.96 -0.29
C GLY B 324 12.81 -13.28 -0.96
N VAL B 325 13.71 -14.25 -0.87
CA VAL B 325 13.51 -15.59 -1.44
C VAL B 325 13.18 -16.54 -0.30
N THR B 326 12.16 -17.38 -0.51
CA THR B 326 11.71 -18.28 0.53
C THR B 326 12.84 -19.20 0.96
N ASP B 327 12.61 -19.91 2.08
CA ASP B 327 13.61 -20.86 2.56
C ASP B 327 13.77 -22.01 1.58
N ASP B 328 12.67 -22.50 1.03
CA ASP B 328 12.72 -23.57 0.04
C ASP B 328 13.05 -23.07 -1.36
N GLY B 329 13.12 -21.76 -1.56
CA GLY B 329 13.48 -21.21 -2.85
C GLY B 329 12.40 -21.31 -3.89
N MET B 330 11.14 -21.48 -3.48
CA MET B 330 10.07 -21.68 -4.45
C MET B 330 9.70 -20.38 -5.16
N ALA B 331 9.76 -19.25 -4.47
CA ALA B 331 9.33 -17.99 -5.05
C ALA B 331 10.14 -16.86 -4.44
N VAL B 332 10.15 -15.71 -5.11
CA VAL B 332 10.81 -14.50 -4.63
C VAL B 332 9.78 -13.39 -4.60
N ALA B 333 9.59 -12.80 -3.42
CA ALA B 333 8.63 -11.71 -3.27
C ALA B 333 9.36 -10.38 -3.29
N THR B 334 8.80 -9.41 -4.02
CA THR B 334 9.37 -8.08 -4.12
C THR B 334 8.30 -7.06 -3.76
N GLY B 335 8.68 -6.09 -2.95
CA GLY B 335 7.78 -5.01 -2.55
C GLY B 335 8.35 -3.66 -2.88
N SER B 336 7.50 -2.76 -3.39
CA SER B 336 7.95 -1.49 -3.89
C SER B 336 7.21 -0.36 -3.27
N TRP B 337 7.63 0.85 -3.61
CA TRP B 337 6.99 2.03 -3.03
C TRP B 337 5.60 2.29 -3.60
N ASP B 338 5.20 1.58 -4.68
CA ASP B 338 3.82 1.70 -5.22
C ASP B 338 2.86 0.86 -4.40
N SER B 339 3.25 0.28 -3.24
CA SER B 339 2.40 -0.37 -2.25
C SER B 339 1.94 -1.76 -2.65
N PHE B 340 2.50 -2.36 -3.68
CA PHE B 340 2.15 -3.72 -4.09
C PHE B 340 3.33 -4.65 -3.92
N LEU B 341 3.12 -5.78 -3.24
CA LEU B 341 4.06 -6.88 -3.20
C LEU B 341 3.67 -7.89 -4.25
N LYS B 342 4.65 -8.34 -5.04
CA LYS B 342 4.41 -9.31 -6.10
C LYS B 342 5.33 -10.49 -5.91
N ILE B 343 4.80 -11.69 -6.06
CA ILE B 343 5.53 -12.92 -5.83
C ILE B 343 5.82 -13.55 -7.18
N TRP B 344 7.10 -13.60 -7.55
CA TRP B 344 7.54 -14.15 -8.82
C TRP B 344 8.03 -15.57 -8.61
N ASN B 345 7.91 -16.37 -9.67
CA ASN B 345 8.33 -17.76 -9.61
C ASN B 345 8.54 -18.33 -11.01
N ALA C 7 41.36 12.87 24.45
CA ALA C 7 40.11 12.14 24.11
C ALA C 7 40.31 11.28 22.86
N SER C 8 40.75 11.92 21.77
CA SER C 8 40.99 11.20 20.52
C SER C 8 42.09 10.17 20.66
N ILE C 9 42.93 10.27 21.69
CA ILE C 9 43.97 9.26 21.91
C ILE C 9 43.33 7.90 22.17
N ALA C 10 42.23 7.88 22.92
CA ALA C 10 41.52 6.62 23.16
C ALA C 10 40.99 6.04 21.86
N GLN C 11 40.44 6.89 20.99
CA GLN C 11 39.93 6.42 19.71
C GLN C 11 41.05 5.85 18.85
N ALA C 12 42.20 6.53 18.84
CA ALA C 12 43.34 6.03 18.06
C ALA C 12 43.83 4.70 18.62
N ARG C 13 43.88 4.57 19.96
CA ARG C 13 44.28 3.31 20.56
C ARG C 13 43.31 2.19 20.18
N LYS C 14 42.01 2.48 20.21
CA LYS C 14 41.02 1.49 19.81
C LYS C 14 41.23 1.08 18.35
N LEU C 15 41.45 2.07 17.47
CA LEU C 15 41.64 1.76 16.06
C LEU C 15 42.86 0.87 15.85
N VAL C 16 43.99 1.22 16.48
CA VAL C 16 45.20 0.45 16.28
C VAL C 16 45.05 -0.96 16.85
N GLU C 17 44.41 -1.08 18.02
CA GLU C 17 44.21 -2.41 18.60
C GLU C 17 43.31 -3.26 17.72
N GLN C 18 42.24 -2.67 17.19
CA GLN C 18 41.34 -3.42 16.32
C GLN C 18 42.05 -3.85 15.04
N LEU C 19 42.86 -2.96 14.46
CA LEU C 19 43.60 -3.32 13.26
C LEU C 19 44.59 -4.45 13.55
N LYS C 20 45.27 -4.37 14.70
CA LYS C 20 46.20 -5.43 15.08
C LYS C 20 45.48 -6.76 15.21
N MET C 21 44.30 -6.75 15.85
CA MET C 21 43.53 -7.99 16.00
C MET C 21 43.11 -8.52 14.64
N GLU C 22 42.70 -7.62 13.74
CA GLU C 22 42.30 -8.06 12.40
C GLU C 22 43.46 -8.69 11.66
N ALA C 23 44.66 -8.13 11.81
CA ALA C 23 45.80 -8.61 11.03
C ALA C 23 46.07 -10.09 11.29
N ASN C 24 45.70 -10.59 12.47
CA ASN C 24 46.01 -11.98 12.84
C ASN C 24 44.80 -12.88 12.59
N ILE C 25 44.63 -13.23 11.31
CA ILE C 25 43.64 -14.22 10.89
C ILE C 25 44.32 -15.19 9.94
N ASP C 26 43.78 -16.41 9.87
CA ASP C 26 44.33 -17.41 8.95
C ASP C 26 44.23 -16.91 7.51
N ARG C 27 45.26 -17.23 6.73
CA ARG C 27 45.36 -16.76 5.35
C ARG C 27 45.07 -17.92 4.41
N ILE C 28 44.14 -17.70 3.47
CA ILE C 28 43.82 -18.66 2.42
C ILE C 28 43.73 -17.91 1.10
N LYS C 29 43.88 -18.65 0.01
CA LYS C 29 43.85 -18.07 -1.32
C LYS C 29 42.42 -17.94 -1.81
N VAL C 30 42.16 -16.85 -2.53
CA VAL C 30 40.80 -16.59 -3.01
C VAL C 30 40.33 -17.68 -3.97
N SER C 31 41.27 -18.37 -4.61
CA SER C 31 40.90 -19.46 -5.50
C SER C 31 40.14 -20.54 -4.74
N LYS C 32 40.56 -20.85 -3.52
CA LYS C 32 39.85 -21.84 -2.72
C LYS C 32 38.42 -21.39 -2.42
N ALA C 33 38.24 -20.11 -2.10
CA ALA C 33 36.89 -19.60 -1.84
C ALA C 33 36.04 -19.69 -3.08
N ALA C 34 36.60 -19.33 -4.25
CA ALA C 34 35.85 -19.44 -5.48
C ALA C 34 35.46 -20.88 -5.77
N ALA C 35 36.39 -21.81 -5.56
CA ALA C 35 36.09 -23.21 -5.79
C ALA C 35 35.00 -23.71 -4.85
N ASP C 36 35.05 -23.28 -3.58
CA ASP C 36 34.03 -23.69 -2.62
C ASP C 36 32.66 -23.15 -3.01
N LEU C 37 32.59 -21.90 -3.46
CA LEU C 37 31.32 -21.35 -3.91
C LEU C 37 30.80 -22.10 -5.13
N MET C 38 31.68 -22.41 -6.08
CA MET C 38 31.26 -23.18 -7.25
C MET C 38 30.73 -24.54 -6.84
N ALA C 39 31.43 -25.21 -5.93
CA ALA C 39 30.99 -26.53 -5.49
C ALA C 39 29.63 -26.46 -4.81
N TYR C 40 29.43 -25.45 -3.96
CA TYR C 40 28.14 -25.32 -3.29
C TYR C 40 27.02 -25.08 -4.30
N CYS C 41 27.27 -24.20 -5.28
CA CYS C 41 26.24 -23.92 -6.26
C CYS C 41 25.92 -25.15 -7.10
N GLU C 42 26.94 -25.90 -7.49
CA GLU C 42 26.71 -27.11 -8.28
C GLU C 42 25.96 -28.17 -7.48
N ALA C 43 26.28 -28.31 -6.20
CA ALA C 43 25.65 -29.35 -5.39
C ALA C 43 24.15 -29.13 -5.24
N HIS C 44 23.72 -27.89 -5.06
CA HIS C 44 22.31 -27.58 -4.84
C HIS C 44 21.62 -27.03 -6.08
N ALA C 45 22.22 -27.19 -7.26
CA ALA C 45 21.61 -26.67 -8.47
C ALA C 45 20.24 -27.31 -8.72
N LYS C 46 20.16 -28.63 -8.54
CA LYS C 46 18.89 -29.34 -8.80
C LYS C 46 17.80 -28.93 -7.81
N GLU C 47 18.17 -28.37 -6.66
CA GLU C 47 17.21 -28.02 -5.62
C GLU C 47 16.89 -26.54 -5.59
N ASP C 48 17.04 -25.87 -6.74
CA ASP C 48 16.79 -24.44 -6.85
C ASP C 48 15.50 -24.30 -7.72
N PRO C 49 14.34 -23.97 -7.11
CA PRO C 49 13.14 -23.77 -7.93
C PRO C 49 13.19 -22.54 -8.82
N LEU C 50 14.10 -21.59 -8.56
CA LEU C 50 14.21 -20.41 -9.39
C LEU C 50 15.20 -20.60 -10.53
N LEU C 51 16.32 -21.26 -10.26
CA LEU C 51 17.28 -21.58 -11.32
C LEU C 51 16.68 -22.56 -12.31
N THR C 52 16.09 -23.64 -11.81
CA THR C 52 15.46 -24.68 -12.63
C THR C 52 13.99 -24.74 -12.25
N PRO C 53 13.11 -24.02 -12.93
CA PRO C 53 11.70 -23.98 -12.50
C PRO C 53 11.10 -25.37 -12.46
N VAL C 54 10.28 -25.60 -11.43
CA VAL C 54 9.63 -26.90 -11.25
C VAL C 54 8.35 -26.93 -12.07
N PRO C 55 7.92 -28.10 -12.55
CA PRO C 55 6.67 -28.15 -13.32
C PRO C 55 5.48 -27.74 -12.48
N ALA C 56 4.47 -27.17 -13.14
CA ALA C 56 3.28 -26.69 -12.44
C ALA C 56 2.64 -27.75 -11.55
N SER C 57 2.99 -29.03 -11.73
CA SER C 57 2.47 -30.06 -10.85
C SER C 57 2.93 -29.84 -9.41
N GLU C 58 4.20 -29.49 -9.22
CA GLU C 58 4.75 -29.27 -7.88
C GLU C 58 4.75 -27.81 -7.48
N ASN C 59 4.62 -26.90 -8.45
CA ASN C 59 4.64 -25.47 -8.18
C ASN C 59 3.44 -25.16 -7.27
N PRO C 60 3.64 -24.57 -6.06
CA PRO C 60 2.47 -24.16 -5.27
C PRO C 60 1.92 -22.79 -5.63
N PHE C 61 2.61 -22.03 -6.48
CA PHE C 61 2.18 -20.72 -6.91
C PHE C 61 1.58 -20.72 -8.31
N ARG C 62 0.86 -21.78 -8.67
CA ARG C 62 0.24 -21.85 -9.98
C ARG C 62 -0.69 -20.66 -10.19
N GLU C 63 -1.14 -20.50 -11.43
CA GLU C 63 -2.02 -19.39 -11.76
C GLU C 63 -3.30 -19.46 -10.92
N LYS C 64 -3.71 -18.30 -10.42
CA LYS C 64 -4.92 -18.22 -9.59
C LYS C 64 -6.12 -18.75 -10.36
N ASN D 18 -36.32 12.98 -53.15
CA ASN D 18 -36.88 13.51 -51.87
C ASN D 18 -35.77 13.99 -50.94
N PHE D 19 -34.84 13.11 -50.64
CA PHE D 19 -33.75 13.43 -49.72
C PHE D 19 -32.65 14.15 -50.50
N SER D 20 -32.60 15.47 -50.37
CA SER D 20 -31.58 16.26 -51.04
C SER D 20 -31.62 17.68 -50.51
N CYS D 21 -30.44 18.28 -50.34
CA CYS D 21 -30.32 19.68 -49.94
C CYS D 21 -29.37 20.35 -50.93
N TYR D 22 -29.91 21.24 -51.76
CA TYR D 22 -29.14 21.94 -52.77
C TYR D 22 -29.87 23.23 -53.11
N HIS D 23 -29.17 24.37 -52.98
CA HIS D 23 -29.73 25.66 -53.32
C HIS D 23 -28.62 26.59 -53.75
N GLU D 24 -28.87 27.38 -54.80
CA GLU D 24 -27.87 28.31 -55.29
C GLU D 24 -27.49 29.32 -54.22
N SER D 25 -28.40 29.62 -53.29
CA SER D 25 -28.13 30.61 -52.26
C SER D 25 -26.99 30.16 -51.34
N VAL D 26 -26.97 28.87 -50.98
CA VAL D 26 -26.02 28.38 -49.98
C VAL D 26 -24.72 27.88 -50.56
N LEU D 27 -24.51 28.04 -51.87
CA LEU D 27 -23.31 27.47 -52.50
C LEU D 27 -22.03 28.05 -51.90
N GLY D 28 -22.03 29.35 -51.61
CA GLY D 28 -20.83 29.97 -51.06
C GLY D 28 -20.40 29.34 -49.75
N TYR D 29 -21.37 28.95 -48.91
CA TYR D 29 -21.06 28.43 -47.59
C TYR D 29 -20.63 26.96 -47.62
N ARG D 30 -20.93 26.24 -48.70
CA ARG D 30 -20.68 24.80 -48.76
C ARG D 30 -19.20 24.46 -48.61
N TYR D 31 -18.34 25.16 -49.35
CA TYR D 31 -16.91 24.82 -49.34
C TYR D 31 -16.29 25.11 -47.99
N VAL D 32 -16.62 26.27 -47.41
CA VAL D 32 -16.09 26.62 -46.10
C VAL D 32 -16.59 25.64 -45.04
N ALA D 33 -17.86 25.24 -45.16
CA ALA D 33 -18.39 24.23 -44.25
C ALA D 33 -17.69 22.89 -44.38
N VAL D 34 -17.39 22.46 -45.60
CA VAL D 34 -16.67 21.20 -45.81
C VAL D 34 -15.28 21.28 -45.18
N SER D 35 -14.58 22.39 -45.42
CA SER D 35 -13.26 22.56 -44.85
C SER D 35 -13.32 22.53 -43.33
N TRP D 36 -14.29 23.24 -42.75
CA TRP D 36 -14.45 23.26 -41.30
C TRP D 36 -14.76 21.86 -40.77
N GLY D 37 -15.61 21.11 -41.49
CA GLY D 37 -15.95 19.77 -41.05
C GLY D 37 -14.76 18.84 -41.05
N VAL D 38 -13.94 18.89 -42.10
CA VAL D 38 -12.75 18.04 -42.13
C VAL D 38 -11.77 18.46 -41.06
N VAL D 39 -11.65 19.77 -40.81
CA VAL D 39 -10.76 20.25 -39.75
C VAL D 39 -11.23 19.71 -38.41
N VAL D 40 -12.54 19.74 -38.16
CA VAL D 40 -13.07 19.20 -36.92
C VAL D 40 -12.80 17.71 -36.83
N ALA D 41 -12.99 16.99 -37.94
CA ALA D 41 -12.77 15.55 -37.94
C ALA D 41 -11.34 15.21 -37.59
N VAL D 42 -10.37 15.93 -38.15
CA VAL D 42 -8.97 15.68 -37.83
C VAL D 42 -8.69 16.06 -36.38
N THR D 43 -9.12 17.26 -35.97
CA THR D 43 -8.78 17.79 -34.66
C THR D 43 -9.35 16.94 -33.53
N GLY D 44 -10.68 16.76 -33.52
CA GLY D 44 -11.28 15.93 -32.51
C GLY D 44 -10.79 14.49 -32.53
N THR D 45 -10.59 13.93 -33.72
CA THR D 45 -10.08 12.57 -33.82
C THR D 45 -8.73 12.45 -33.14
N VAL D 46 -7.79 13.32 -33.50
CA VAL D 46 -6.43 13.21 -32.95
C VAL D 46 -6.46 13.48 -31.45
N GLY D 47 -7.21 14.50 -31.04
CA GLY D 47 -7.28 14.83 -29.63
C GLY D 47 -7.81 13.68 -28.80
N ASN D 48 -8.93 13.09 -29.24
CA ASN D 48 -9.56 12.03 -28.46
C ASN D 48 -8.73 10.75 -28.47
N VAL D 49 -8.12 10.40 -29.60
CA VAL D 49 -7.29 9.21 -29.64
C VAL D 49 -6.08 9.39 -28.73
N LEU D 50 -5.47 10.58 -28.75
CA LEU D 50 -4.34 10.85 -27.87
C LEU D 50 -4.78 10.78 -26.40
N THR D 51 -5.94 11.34 -26.08
CA THR D 51 -6.43 11.31 -24.71
C THR D 51 -6.64 9.88 -24.23
N LEU D 52 -7.31 9.06 -25.06
CA LEU D 52 -7.55 7.67 -24.66
C LEU D 52 -6.24 6.90 -24.55
N LEU D 53 -5.30 7.15 -25.47
CA LEU D 53 -4.01 6.46 -25.40
C LEU D 53 -3.26 6.84 -24.13
N ALA D 54 -3.28 8.12 -23.77
CA ALA D 54 -2.65 8.56 -22.53
C ALA D 54 -3.31 7.92 -21.32
N LEU D 55 -4.64 7.84 -21.33
CA LEU D 55 -5.34 7.24 -20.20
C LEU D 55 -5.01 5.76 -20.07
N ALA D 56 -4.87 5.05 -21.19
CA ALA D 56 -4.57 3.62 -21.14
C ALA D 56 -3.12 3.36 -20.78
N ILE D 57 -2.20 4.20 -21.28
CA ILE D 57 -0.78 3.96 -21.05
C ILE D 57 -0.43 4.12 -19.59
N GLN D 58 -0.93 5.18 -18.95
CA GLN D 58 -0.57 5.52 -17.58
C GLN D 58 -1.77 5.29 -16.66
N PRO D 59 -1.79 4.21 -15.88
CA PRO D 59 -2.88 4.03 -14.91
C PRO D 59 -2.97 5.15 -13.89
N LYS D 60 -1.85 5.88 -13.71
CA LYS D 60 -1.87 7.03 -12.81
C LYS D 60 -2.93 8.05 -13.21
N LEU D 61 -3.30 8.07 -14.49
CA LEU D 61 -4.36 8.95 -14.96
C LEU D 61 -5.74 8.35 -14.79
N ARG D 62 -5.84 7.14 -14.24
CA ARG D 62 -7.10 6.41 -14.18
C ARG D 62 -7.88 6.74 -12.91
N THR D 63 -7.64 7.91 -12.35
CA THR D 63 -8.35 8.30 -11.14
C THR D 63 -9.84 8.46 -11.44
N ARG D 64 -10.65 8.42 -10.37
CA ARG D 64 -12.10 8.36 -10.55
C ARG D 64 -12.61 9.58 -11.30
N PHE D 65 -12.12 10.77 -10.97
CA PHE D 65 -12.57 11.95 -11.68
C PHE D 65 -12.23 11.86 -13.16
N ASN D 66 -11.04 11.36 -13.48
CA ASN D 66 -10.64 11.24 -14.88
C ASN D 66 -11.53 10.30 -15.66
N LEU D 67 -12.33 9.46 -15.01
CA LEU D 67 -13.30 8.67 -15.75
C LEU D 67 -14.35 9.55 -16.42
N LEU D 68 -14.69 10.69 -15.82
CA LEU D 68 -15.61 11.61 -16.49
C LEU D 68 -15.01 12.17 -17.77
N ILE D 69 -13.74 12.56 -17.71
CA ILE D 69 -13.07 13.04 -18.93
C ILE D 69 -12.94 11.91 -19.94
N ALA D 70 -12.73 10.69 -19.46
CA ALA D 70 -12.67 9.54 -20.36
C ALA D 70 -14.00 9.32 -21.07
N ASN D 71 -15.10 9.42 -20.33
CA ASN D 71 -16.43 9.27 -20.92
C ASN D 71 -16.68 10.36 -21.95
N LEU D 72 -16.33 11.60 -21.61
CA LEU D 72 -16.46 12.70 -22.57
C LEU D 72 -15.63 12.41 -23.82
N THR D 73 -14.41 11.92 -23.63
CA THR D 73 -13.55 11.63 -24.77
C THR D 73 -14.14 10.55 -25.66
N LEU D 74 -14.69 9.50 -25.06
CA LEU D 74 -15.27 8.41 -25.86
C LEU D 74 -16.48 8.92 -26.62
N ALA D 75 -17.36 9.67 -25.95
CA ALA D 75 -18.54 10.20 -26.62
C ALA D 75 -18.18 11.17 -27.73
N ASP D 76 -17.10 11.93 -27.56
CA ASP D 76 -16.66 12.85 -28.61
C ASP D 76 -16.06 12.08 -29.78
N LEU D 77 -15.23 11.06 -29.49
CA LEU D 77 -14.65 10.25 -30.55
C LEU D 77 -15.74 9.54 -31.34
N LEU D 78 -16.82 9.15 -30.67
CA LEU D 78 -17.94 8.54 -31.37
C LEU D 78 -18.52 9.48 -32.42
N TYR D 79 -18.43 10.79 -32.20
CA TYR D 79 -18.86 11.78 -33.17
C TYR D 79 -17.75 12.19 -34.14
N CYS D 80 -16.49 11.96 -33.79
CA CYS D 80 -15.38 12.30 -34.67
C CYS D 80 -15.09 11.22 -35.70
N THR D 81 -14.82 9.99 -35.24
CA THR D 81 -14.60 8.89 -36.18
C THR D 81 -15.86 8.57 -36.97
N LEU D 82 -17.03 8.90 -36.45
CA LEU D 82 -18.30 8.63 -37.11
C LEU D 82 -19.21 9.84 -36.99
N LEU D 83 -20.07 9.99 -37.99
CA LEU D 83 -21.13 10.98 -38.05
C LEU D 83 -20.64 12.39 -38.38
N GLN D 84 -19.33 12.63 -38.32
CA GLN D 84 -18.79 13.85 -38.91
C GLN D 84 -18.48 13.67 -40.39
N PRO D 85 -17.79 12.61 -40.83
CA PRO D 85 -17.53 12.47 -42.27
C PRO D 85 -18.81 12.40 -43.09
N PHE D 86 -19.88 11.84 -42.53
CA PHE D 86 -21.14 11.81 -43.24
C PHE D 86 -21.69 13.22 -43.44
N SER D 87 -21.57 14.08 -42.43
CA SER D 87 -21.97 15.47 -42.60
C SER D 87 -21.13 16.16 -43.66
N VAL D 88 -19.82 15.90 -43.66
CA VAL D 88 -18.95 16.47 -44.69
C VAL D 88 -19.41 16.01 -46.08
N ASP D 89 -19.70 14.72 -46.21
CA ASP D 89 -20.15 14.19 -47.49
C ASP D 89 -21.45 14.84 -47.92
N THR D 90 -22.39 15.01 -46.99
CA THR D 90 -23.65 15.66 -47.32
C THR D 90 -23.41 17.08 -47.83
N TYR D 91 -22.54 17.82 -47.15
CA TYR D 91 -22.22 19.16 -47.62
C TYR D 91 -21.50 19.12 -48.96
N LEU D 92 -20.96 17.97 -49.34
CA LEU D 92 -20.42 17.74 -50.67
C LEU D 92 -21.56 17.23 -51.56
N HIS D 93 -21.22 16.62 -52.70
CA HIS D 93 -22.21 16.09 -53.62
C HIS D 93 -23.35 15.40 -52.87
N LEU D 94 -24.56 15.61 -53.36
CA LEU D 94 -25.80 15.15 -52.74
C LEU D 94 -26.05 13.65 -52.88
N HIS D 95 -25.07 12.84 -53.29
CA HIS D 95 -25.32 11.42 -53.50
C HIS D 95 -25.88 10.78 -52.23
N TRP D 96 -25.29 11.08 -51.08
CA TRP D 96 -25.80 10.63 -49.79
C TRP D 96 -25.92 9.10 -49.77
N ARG D 97 -24.75 8.45 -49.85
CA ARG D 97 -24.71 7.00 -49.98
C ARG D 97 -25.57 6.31 -48.92
N THR D 98 -25.53 6.81 -47.68
CA THR D 98 -26.28 6.19 -46.60
C THR D 98 -27.77 6.15 -46.95
N GLY D 99 -28.38 5.00 -46.73
CA GLY D 99 -29.79 4.83 -47.04
C GLY D 99 -30.70 5.48 -46.01
N ALA D 100 -32.00 5.43 -46.30
CA ALA D 100 -32.99 5.99 -45.39
C ALA D 100 -32.96 5.26 -44.05
N THR D 101 -32.83 3.93 -44.08
CA THR D 101 -32.77 3.17 -42.84
C THR D 101 -31.57 3.58 -42.00
N PHE D 102 -30.43 3.84 -42.65
CA PHE D 102 -29.24 4.23 -41.90
C PHE D 102 -29.36 5.65 -41.35
N CYS D 103 -30.21 6.48 -41.95
CA CYS D 103 -30.32 7.87 -41.50
C CYS D 103 -30.87 7.94 -40.08
N ARG D 104 -31.79 7.05 -39.77
CA ARG D 104 -32.36 7.05 -38.42
C ARG D 104 -31.29 6.70 -37.40
N VAL D 105 -30.49 5.67 -37.69
CA VAL D 105 -29.40 5.28 -36.80
C VAL D 105 -28.40 6.42 -36.67
N PHE D 106 -28.07 7.05 -37.79
CA PHE D 106 -27.10 8.16 -37.78
C PHE D 106 -27.59 9.31 -36.91
N GLY D 107 -28.85 9.72 -37.10
CA GLY D 107 -29.38 10.82 -36.31
C GLY D 107 -29.45 10.49 -34.83
N LEU D 108 -29.91 9.28 -34.50
CA LEU D 108 -29.98 8.89 -33.11
C LEU D 108 -28.59 8.87 -32.48
N LEU D 109 -27.59 8.35 -33.19
CA LEU D 109 -26.23 8.33 -32.66
C LEU D 109 -25.68 9.74 -32.49
N LEU D 110 -25.93 10.61 -33.47
CA LEU D 110 -25.46 12.00 -33.36
C LEU D 110 -26.03 12.67 -32.12
N PHE D 111 -27.35 12.60 -31.95
CA PHE D 111 -27.96 13.27 -30.82
C PHE D 111 -27.58 12.60 -29.50
N ALA D 112 -27.39 11.28 -29.51
CA ALA D 112 -26.93 10.59 -28.31
C ALA D 112 -25.54 11.07 -27.93
N SER D 113 -24.65 11.19 -28.92
CA SER D 113 -23.29 11.66 -28.66
C SER D 113 -23.32 13.07 -28.07
N ASN D 114 -24.10 13.97 -28.68
CA ASN D 114 -24.17 15.35 -28.20
C ASN D 114 -24.75 15.41 -26.79
N SER D 115 -25.79 14.63 -26.50
CA SER D 115 -26.38 14.63 -25.16
C SER D 115 -25.42 14.07 -24.13
N VAL D 116 -24.70 13.00 -24.48
CA VAL D 116 -23.72 12.45 -23.56
C VAL D 116 -22.63 13.47 -23.29
N SER D 117 -22.19 14.18 -24.34
CA SER D 117 -21.15 15.18 -24.15
C SER D 117 -21.62 16.27 -23.20
N ILE D 118 -22.83 16.77 -23.40
CA ILE D 118 -23.34 17.84 -22.53
C ILE D 118 -23.48 17.34 -21.10
N LEU D 119 -24.03 16.14 -20.92
CA LEU D 119 -24.22 15.62 -19.57
C LEU D 119 -22.88 15.38 -18.87
N THR D 120 -21.88 14.90 -19.63
CA THR D 120 -20.57 14.70 -19.03
C THR D 120 -19.88 16.02 -18.72
N LEU D 121 -20.13 17.06 -19.50
CA LEU D 121 -19.61 18.38 -19.14
C LEU D 121 -20.23 18.85 -17.83
N CYS D 122 -21.54 18.66 -17.67
CA CYS D 122 -22.18 19.01 -16.40
C CYS D 122 -21.58 18.21 -15.25
N LEU D 123 -21.35 16.91 -15.47
CA LEU D 123 -20.76 16.07 -14.41
C LEU D 123 -19.34 16.53 -14.09
N ILE D 124 -18.57 16.90 -15.10
CA ILE D 124 -17.21 17.39 -14.87
C ILE D 124 -17.24 18.67 -14.05
N ALA D 125 -18.14 19.59 -14.40
CA ALA D 125 -18.26 20.82 -13.63
C ALA D 125 -18.65 20.53 -12.19
N LEU D 126 -19.58 19.61 -11.97
CA LEU D 126 -19.98 19.25 -10.62
C LEU D 126 -18.81 18.66 -9.84
N GLY D 127 -18.05 17.76 -10.48
CA GLY D 127 -16.92 17.14 -9.80
C GLY D 127 -15.83 18.13 -9.47
N ARG D 128 -15.54 19.06 -10.40
CA ARG D 128 -14.55 20.08 -10.13
C ARG D 128 -14.99 20.97 -8.98
N TYR D 129 -16.27 21.34 -8.96
CA TYR D 129 -16.76 22.16 -7.86
C TYR D 129 -16.63 21.42 -6.53
N LEU D 130 -16.95 20.13 -6.52
CA LEU D 130 -16.84 19.36 -5.30
C LEU D 130 -15.38 19.27 -4.84
N LEU D 131 -14.47 19.03 -5.78
CA LEU D 131 -13.06 18.92 -5.41
C LEU D 131 -12.52 20.22 -4.85
N ILE D 132 -12.85 21.35 -5.49
CA ILE D 132 -12.27 22.62 -5.08
C ILE D 132 -12.93 23.13 -3.80
N ALA D 133 -14.26 23.09 -3.73
CA ALA D 133 -14.97 23.72 -2.63
C ALA D 133 -15.15 22.77 -1.45
N HIS D 134 -15.60 21.54 -1.70
CA HIS D 134 -15.90 20.56 -0.65
C HIS D 134 -15.15 19.28 -0.95
N PRO D 135 -13.83 19.28 -0.80
CA PRO D 135 -13.05 18.08 -1.16
C PRO D 135 -13.48 16.84 -0.39
N LYS D 136 -13.96 16.99 0.83
CA LYS D 136 -14.43 15.85 1.62
C LYS D 136 -15.77 15.31 1.12
N LEU D 137 -16.44 16.03 0.21
CA LEU D 137 -17.73 15.59 -0.31
C LEU D 137 -17.59 14.80 -1.61
N PHE D 138 -16.51 15.00 -2.36
CA PHE D 138 -16.35 14.35 -3.64
C PHE D 138 -16.43 12.84 -3.57
N PRO D 139 -15.69 12.14 -2.70
CA PRO D 139 -15.78 10.67 -2.68
C PRO D 139 -17.16 10.15 -2.38
N GLN D 140 -17.96 10.86 -1.57
CA GLN D 140 -19.31 10.41 -1.28
C GLN D 140 -20.18 10.37 -2.53
N VAL D 141 -19.81 11.09 -3.59
CA VAL D 141 -20.58 11.17 -4.81
C VAL D 141 -19.96 10.36 -5.93
N PHE D 142 -18.64 10.41 -6.07
CA PHE D 142 -17.96 9.79 -7.20
C PHE D 142 -17.05 8.65 -6.79
N SER D 143 -17.43 7.88 -5.76
CA SER D 143 -16.71 6.66 -5.45
C SER D 143 -16.95 5.61 -6.53
N ALA D 144 -16.35 4.44 -6.35
CA ALA D 144 -16.34 3.44 -7.41
C ALA D 144 -17.74 3.12 -7.92
N LYS D 145 -18.71 2.95 -7.00
CA LYS D 145 -20.06 2.65 -7.43
C LYS D 145 -20.75 3.89 -8.01
N GLY D 146 -20.60 5.04 -7.34
CA GLY D 146 -21.26 6.24 -7.81
C GLY D 146 -20.77 6.69 -9.17
N ILE D 147 -19.45 6.60 -9.40
CA ILE D 147 -18.90 7.07 -10.66
C ILE D 147 -19.48 6.27 -11.82
N VAL D 148 -19.51 4.95 -11.67
CA VAL D 148 -20.03 4.11 -12.75
C VAL D 148 -21.54 4.30 -12.90
N LEU D 149 -22.26 4.47 -11.79
CA LEU D 149 -23.69 4.73 -11.89
C LEU D 149 -23.95 5.98 -12.71
N ALA D 150 -23.27 7.09 -12.40
CA ALA D 150 -23.46 8.33 -13.14
C ALA D 150 -23.01 8.17 -14.59
N LEU D 151 -21.86 7.53 -14.80
CA LEU D 151 -21.29 7.41 -16.13
C LEU D 151 -22.15 6.57 -17.06
N VAL D 152 -22.88 5.60 -16.52
CA VAL D 152 -23.78 4.80 -17.35
C VAL D 152 -25.16 5.46 -17.46
N SER D 153 -25.62 6.15 -16.41
CA SER D 153 -26.89 6.84 -16.50
C SER D 153 -26.83 7.96 -17.53
N THR D 154 -25.66 8.54 -17.75
CA THR D 154 -25.52 9.52 -18.82
C THR D 154 -25.90 8.90 -20.17
N TRP D 155 -25.32 7.75 -20.50
CA TRP D 155 -25.64 7.08 -21.75
C TRP D 155 -27.11 6.67 -21.79
N VAL D 156 -27.63 6.18 -20.66
CA VAL D 156 -29.03 5.76 -20.61
C VAL D 156 -29.95 6.93 -20.94
N VAL D 157 -29.68 8.09 -20.34
CA VAL D 157 -30.50 9.27 -20.61
C VAL D 157 -30.32 9.70 -22.06
N GLY D 158 -29.10 9.59 -22.58
CA GLY D 158 -28.86 9.98 -23.97
C GLY D 158 -29.72 9.14 -24.93
N VAL D 159 -29.76 7.83 -24.70
CA VAL D 159 -30.54 6.97 -25.59
C VAL D 159 -32.04 7.18 -25.38
N ALA D 160 -32.46 7.33 -24.12
CA ALA D 160 -33.89 7.45 -23.82
C ALA D 160 -34.45 8.79 -24.31
N SER D 161 -33.65 9.86 -24.26
CA SER D 161 -34.14 11.17 -24.67
C SER D 161 -34.64 11.14 -26.09
N PHE D 162 -34.08 10.29 -26.96
CA PHE D 162 -34.42 10.29 -28.37
C PHE D 162 -35.01 8.98 -28.88
N ALA D 163 -35.06 7.93 -28.06
CA ALA D 163 -35.76 6.72 -28.50
C ALA D 163 -37.20 6.99 -28.90
N PRO D 164 -37.98 7.78 -28.15
CA PRO D 164 -39.36 8.08 -28.59
C PRO D 164 -39.41 8.85 -29.91
N LEU D 165 -38.28 9.38 -30.36
CA LEU D 165 -38.21 10.14 -31.58
C LEU D 165 -37.55 9.35 -32.72
N TRP D 166 -37.60 8.03 -32.65
CA TRP D 166 -36.89 7.21 -33.63
C TRP D 166 -37.36 7.42 -35.05
N PRO D 167 -38.66 7.45 -35.36
CA PRO D 167 -39.09 7.40 -36.78
C PRO D 167 -39.02 8.73 -37.51
N ILE D 168 -38.73 9.84 -36.82
CA ILE D 168 -38.80 11.16 -37.44
C ILE D 168 -37.41 11.69 -37.80
N TYR D 169 -36.43 10.80 -37.94
CA TYR D 169 -35.09 11.21 -38.32
C TYR D 169 -34.98 11.36 -39.84
N ILE D 170 -35.84 12.18 -40.43
CA ILE D 170 -35.81 12.41 -41.86
C ILE D 170 -34.79 13.51 -42.17
N LEU D 171 -34.25 13.49 -43.37
CA LEU D 171 -33.27 14.49 -43.77
C LEU D 171 -33.93 15.86 -43.79
N VAL D 172 -33.31 16.83 -43.11
CA VAL D 172 -33.81 18.19 -43.04
C VAL D 172 -32.94 19.04 -43.98
N PRO D 173 -33.51 19.61 -45.06
CA PRO D 173 -32.65 20.29 -46.04
C PRO D 173 -31.84 21.44 -45.45
N VAL D 174 -32.39 22.15 -44.46
CA VAL D 174 -31.70 23.31 -43.91
C VAL D 174 -30.38 22.89 -43.27
N VAL D 175 -30.38 21.77 -42.54
CA VAL D 175 -29.18 21.33 -41.86
C VAL D 175 -28.24 20.55 -42.78
N CYS D 176 -28.75 20.02 -43.89
CA CYS D 176 -27.96 19.20 -44.80
C CYS D 176 -27.33 18.01 -44.08
N THR D 177 -28.09 17.37 -43.20
CA THR D 177 -27.63 16.19 -42.49
C THR D 177 -28.83 15.53 -41.84
N CYS D 178 -28.91 14.20 -42.01
CA CYS D 178 -30.06 13.47 -41.47
C CYS D 178 -30.17 13.69 -39.97
N SER D 179 -31.24 14.38 -39.56
CA SER D 179 -31.47 14.73 -38.17
C SER D 179 -32.96 14.93 -37.98
N PHE D 180 -33.37 15.05 -36.72
CA PHE D 180 -34.79 15.12 -36.41
C PHE D 180 -35.45 16.26 -37.18
N ASP D 181 -36.65 15.99 -37.69
CA ASP D 181 -37.41 17.01 -38.40
C ASP D 181 -37.86 18.09 -37.43
N ARG D 182 -37.88 19.34 -37.90
CA ARG D 182 -38.22 20.45 -37.03
C ARG D 182 -39.72 20.70 -36.96
N ILE D 183 -40.48 20.24 -37.94
CA ILE D 183 -41.90 20.60 -38.00
C ILE D 183 -42.78 19.51 -37.35
N ARG D 184 -42.33 18.26 -37.37
CA ARG D 184 -43.07 17.17 -36.79
C ARG D 184 -42.39 16.69 -35.51
N GLY D 185 -43.18 16.37 -34.50
CA GLY D 185 -42.63 16.09 -33.20
C GLY D 185 -41.96 17.29 -32.55
N ARG D 186 -42.40 18.49 -32.89
CA ARG D 186 -41.79 19.68 -32.30
C ARG D 186 -41.97 19.86 -30.75
N PRO D 187 -43.19 19.61 -30.14
CA PRO D 187 -43.31 19.92 -28.70
C PRO D 187 -42.42 19.03 -27.84
N TYR D 188 -42.45 17.72 -28.08
CA TYR D 188 -41.62 16.81 -27.29
C TYR D 188 -40.15 17.15 -27.45
N THR D 189 -39.72 17.39 -28.69
CA THR D 189 -38.31 17.66 -28.93
C THR D 189 -37.87 19.03 -28.41
N THR D 190 -38.72 20.05 -28.54
CA THR D 190 -38.36 21.35 -27.98
C THR D 190 -38.25 21.28 -26.47
N ILE D 191 -39.14 20.53 -25.81
CA ILE D 191 -39.00 20.33 -24.37
C ILE D 191 -37.68 19.62 -24.06
N LEU D 192 -37.42 18.53 -24.78
CA LEU D 192 -36.23 17.73 -24.50
C LEU D 192 -34.95 18.51 -24.81
N MET D 193 -35.05 19.54 -25.65
CA MET D 193 -33.88 20.34 -26.00
C MET D 193 -33.69 21.49 -25.02
N GLY D 194 -34.78 22.10 -24.57
CA GLY D 194 -34.68 23.09 -23.52
C GLY D 194 -34.13 22.50 -22.24
N ILE D 195 -34.46 21.25 -21.95
CA ILE D 195 -33.89 20.60 -20.76
C ILE D 195 -32.37 20.63 -20.83
N TYR D 196 -31.80 20.21 -21.96
CA TYR D 196 -30.35 20.24 -22.11
C TYR D 196 -29.82 21.65 -22.05
N PHE D 197 -30.49 22.58 -22.72
CA PHE D 197 -30.02 23.97 -22.73
C PHE D 197 -29.87 24.49 -21.31
N VAL D 198 -30.94 24.36 -20.51
CA VAL D 198 -30.91 24.90 -19.16
C VAL D 198 -29.93 24.14 -18.29
N LEU D 199 -29.90 22.82 -18.38
CA LEU D 199 -28.97 22.04 -17.56
C LEU D 199 -27.54 22.47 -17.82
N GLY D 200 -27.13 22.47 -19.09
CA GLY D 200 -25.76 22.83 -19.40
C GLY D 200 -25.43 24.26 -18.98
N LEU D 201 -26.29 25.21 -19.36
CA LEU D 201 -26.01 26.60 -19.03
C LEU D 201 -25.89 26.78 -17.53
N SER D 202 -26.87 26.32 -16.76
CA SER D 202 -26.83 26.53 -15.32
C SER D 202 -25.62 25.86 -14.69
N SER D 203 -25.37 24.59 -15.03
CA SER D 203 -24.26 23.88 -14.39
C SER D 203 -22.93 24.54 -14.70
N VAL D 204 -22.64 24.76 -15.99
CA VAL D 204 -21.33 25.27 -16.37
C VAL D 204 -21.20 26.76 -16.09
N GLY D 205 -22.29 27.45 -15.77
CA GLY D 205 -22.18 28.85 -15.41
C GLY D 205 -22.19 29.09 -13.91
N ILE D 206 -22.55 28.07 -13.15
CA ILE D 206 -22.59 28.21 -11.70
C ILE D 206 -21.39 27.54 -11.06
N PHE D 207 -21.10 26.30 -11.43
CA PHE D 207 -20.04 25.58 -10.73
C PHE D 207 -18.68 26.24 -10.93
N TYR D 208 -18.40 26.70 -12.15
CA TYR D 208 -17.13 27.37 -12.38
C TYR D 208 -17.06 28.72 -11.68
N CYS D 209 -18.17 29.45 -11.62
CA CYS D 209 -18.18 30.70 -10.86
C CYS D 209 -17.88 30.43 -9.38
N LEU D 210 -18.48 29.37 -8.83
CA LEU D 210 -18.23 29.04 -7.43
C LEU D 210 -16.78 28.63 -7.21
N ILE D 211 -16.20 27.89 -8.16
CA ILE D 211 -14.79 27.53 -8.06
C ILE D 211 -13.92 28.79 -8.03
N HIS D 212 -14.23 29.73 -8.91
CA HIS D 212 -13.48 30.98 -8.94
C HIS D 212 -13.62 31.72 -7.62
N ARG D 213 -14.82 31.73 -7.07
CA ARG D 213 -15.04 32.39 -5.79
C ARG D 213 -14.20 31.74 -4.69
N GLN D 214 -14.12 30.42 -4.69
CA GLN D 214 -13.33 29.72 -3.67
C GLN D 214 -11.85 30.06 -3.80
N VAL D 215 -11.33 30.05 -5.03
CA VAL D 215 -9.91 30.34 -5.21
C VAL D 215 -9.61 31.78 -4.81
N LYS D 216 -10.49 32.72 -5.19
CA LYS D 216 -10.28 34.11 -4.81
C LYS D 216 -10.32 34.28 -3.29
N ARG D 217 -11.24 33.59 -2.63
CA ARG D 217 -11.32 33.66 -1.17
C ARG D 217 -10.05 33.16 -0.53
N ALA D 218 -9.53 32.03 -1.03
CA ALA D 218 -8.28 31.50 -0.48
C ALA D 218 -7.14 32.49 -0.66
N ALA D 219 -7.04 33.08 -1.84
CA ALA D 219 -5.98 34.05 -2.10
C ALA D 219 -6.09 35.24 -1.17
N GLN D 220 -7.30 35.77 -0.99
CA GLN D 220 -7.48 36.92 -0.12
C GLN D 220 -7.12 36.58 1.32
N ALA D 221 -7.57 35.42 1.79
CA ALA D 221 -7.27 35.01 3.16
C ALA D 221 -5.77 34.90 3.37
N LEU D 222 -5.06 34.38 2.38
CA LEU D 222 -3.61 34.31 2.47
C LEU D 222 -3.05 35.71 2.56
N ASP D 223 -3.51 36.59 1.68
CA ASP D 223 -2.98 37.96 1.63
C ASP D 223 -3.26 38.76 2.89
N GLN D 224 -4.24 38.35 3.68
CA GLN D 224 -4.51 39.06 4.93
C GLN D 224 -3.36 38.88 5.92
N TYR D 225 -2.85 37.65 6.06
CA TYR D 225 -1.77 37.35 7.00
C TYR D 225 -0.40 37.60 6.33
N LYS D 226 -0.18 38.86 5.99
CA LYS D 226 1.01 39.25 5.24
C LYS D 226 1.57 40.54 5.82
N LEU D 227 2.86 40.76 5.59
CA LEU D 227 3.55 41.95 6.08
C LEU D 227 2.92 43.21 5.52
N GLY D 325 -5.15 33.60 -11.82
CA GLY D 325 -4.87 33.94 -13.20
C GLY D 325 -5.20 32.81 -14.16
N LYS D 326 -4.57 31.66 -13.95
CA LYS D 326 -4.85 30.50 -14.79
C LYS D 326 -6.29 30.03 -14.60
N VAL D 327 -6.77 30.02 -13.35
CA VAL D 327 -8.09 29.48 -13.08
C VAL D 327 -9.17 30.33 -13.73
N THR D 328 -9.06 31.65 -13.61
CA THR D 328 -10.07 32.53 -14.18
C THR D 328 -10.13 32.38 -15.69
N ARG D 329 -8.96 32.37 -16.35
CA ARG D 329 -8.95 32.23 -17.80
C ARG D 329 -9.49 30.88 -18.22
N MET D 330 -9.16 29.81 -17.47
CA MET D 330 -9.65 28.48 -17.82
C MET D 330 -11.16 28.40 -17.68
N CYS D 331 -11.71 28.97 -16.60
CA CYS D 331 -13.16 28.96 -16.42
C CYS D 331 -13.85 29.76 -17.50
N PHE D 332 -13.30 30.93 -17.84
CA PHE D 332 -13.85 31.73 -18.91
C PHE D 332 -13.82 30.95 -20.23
N ALA D 333 -12.70 30.28 -20.50
CA ALA D 333 -12.59 29.51 -21.73
C ALA D 333 -13.61 28.39 -21.77
N VAL D 334 -13.80 27.69 -20.65
CA VAL D 334 -14.75 26.58 -20.62
C VAL D 334 -16.16 27.07 -20.89
N PHE D 335 -16.59 28.12 -20.18
CA PHE D 335 -17.93 28.63 -20.41
C PHE D 335 -18.08 29.18 -21.82
N LEU D 336 -17.08 29.90 -22.31
CA LEU D 336 -17.14 30.45 -23.66
C LEU D 336 -17.29 29.34 -24.69
N CYS D 337 -16.49 28.29 -24.58
CA CYS D 337 -16.57 27.19 -25.53
C CYS D 337 -17.93 26.53 -25.47
N PHE D 338 -18.38 26.14 -24.28
CA PHE D 338 -19.69 25.50 -24.17
C PHE D 338 -20.77 26.36 -24.82
N ALA D 339 -20.82 27.64 -24.43
CA ALA D 339 -21.88 28.52 -24.92
C ALA D 339 -21.80 28.69 -26.44
N LEU D 340 -20.67 29.19 -26.93
CA LEU D 340 -20.55 29.48 -28.35
C LEU D 340 -20.71 28.23 -29.19
N SER D 341 -20.56 27.04 -28.59
CA SER D 341 -20.81 25.82 -29.36
C SER D 341 -22.29 25.45 -29.37
N TYR D 342 -22.93 25.44 -28.21
CA TYR D 342 -24.30 24.93 -28.14
C TYR D 342 -25.46 25.89 -28.10
N ILE D 343 -25.34 27.03 -27.43
CA ILE D 343 -26.52 27.87 -27.26
C ILE D 343 -27.02 28.43 -28.59
N PRO D 344 -26.16 28.78 -29.54
CA PRO D 344 -26.69 29.31 -30.82
C PRO D 344 -27.66 28.37 -31.50
N PHE D 345 -27.43 27.07 -31.44
CA PHE D 345 -28.33 26.09 -32.04
C PHE D 345 -29.55 25.84 -31.17
N LEU D 346 -29.32 25.58 -29.88
CA LEU D 346 -30.42 25.24 -28.99
C LEU D 346 -31.44 26.37 -28.90
N LEU D 347 -30.96 27.59 -28.65
CA LEU D 347 -31.87 28.73 -28.53
C LEU D 347 -32.60 28.98 -29.85
N LEU D 348 -31.86 28.92 -30.96
CA LEU D 348 -32.48 29.15 -32.26
C LEU D 348 -33.63 28.18 -32.51
N ASN D 349 -33.38 26.89 -32.30
CA ASN D 349 -34.42 25.91 -32.56
C ASN D 349 -35.53 25.94 -31.51
N ILE D 350 -35.24 26.39 -30.29
CA ILE D 350 -36.28 26.50 -29.28
C ILE D 350 -37.23 27.64 -29.62
N LEU D 351 -36.70 28.79 -30.01
CA LEU D 351 -37.54 29.95 -30.31
C LEU D 351 -38.12 29.92 -31.71
N ASP D 352 -37.64 29.03 -32.58
CA ASP D 352 -38.11 28.91 -33.95
C ASP D 352 -38.92 27.62 -34.05
N ALA D 353 -40.24 27.74 -33.92
CA ALA D 353 -41.12 26.58 -34.00
C ALA D 353 -41.27 26.12 -35.45
N ARG D 354 -41.77 27.03 -36.31
CA ARG D 354 -41.93 26.74 -37.75
C ARG D 354 -40.71 27.24 -38.47
N VAL D 355 -40.07 26.43 -39.31
CA VAL D 355 -38.78 26.74 -39.88
C VAL D 355 -38.94 27.87 -40.88
N GLN D 356 -38.27 28.99 -40.63
CA GLN D 356 -38.14 30.08 -41.59
C GLN D 356 -36.69 30.25 -42.01
N ALA D 357 -35.79 30.36 -41.05
CA ALA D 357 -34.35 30.36 -41.29
C ALA D 357 -33.92 31.35 -42.37
N PRO D 358 -34.19 32.65 -42.19
CA PRO D 358 -33.60 33.64 -43.08
C PRO D 358 -32.08 33.55 -43.03
N ARG D 359 -31.47 33.63 -44.21
CA ARG D 359 -30.01 33.50 -44.36
C ARG D 359 -29.51 32.13 -43.89
N VAL D 360 -30.40 31.13 -43.87
CA VAL D 360 -30.08 29.73 -43.57
C VAL D 360 -29.14 29.62 -42.37
N VAL D 361 -29.35 30.48 -41.37
CA VAL D 361 -28.51 30.44 -40.18
C VAL D 361 -28.59 29.09 -39.49
N HIS D 362 -29.73 28.38 -39.60
CA HIS D 362 -29.82 27.03 -39.05
C HIS D 362 -28.64 26.17 -39.45
N MET D 363 -28.10 26.38 -40.65
CA MET D 363 -26.90 25.64 -41.02
C MET D 363 -25.71 26.07 -40.18
N LEU D 364 -25.39 27.36 -40.20
CA LEU D 364 -24.23 27.85 -39.46
C LEU D 364 -24.35 27.52 -37.98
N ALA D 365 -25.53 27.77 -37.40
CA ALA D 365 -25.74 27.41 -36.00
C ALA D 365 -25.36 25.95 -35.77
N ALA D 366 -25.86 25.05 -36.61
CA ALA D 366 -25.54 23.64 -36.44
C ALA D 366 -24.03 23.42 -36.50
N ASN D 367 -23.36 24.11 -37.41
CA ASN D 367 -21.91 23.96 -37.52
C ASN D 367 -21.21 24.34 -36.23
N LEU D 368 -21.72 25.35 -35.51
CA LEU D 368 -21.10 25.72 -34.25
C LEU D 368 -21.13 24.56 -33.27
N THR D 369 -22.17 23.72 -33.30
CA THR D 369 -22.23 22.55 -32.39
C THR D 369 -21.04 21.62 -32.65
N TRP D 370 -20.45 21.64 -33.86
CA TRP D 370 -19.25 20.81 -34.07
C TRP D 370 -18.12 21.29 -33.18
N LEU D 371 -18.03 22.60 -32.94
CA LEU D 371 -16.87 23.16 -32.26
C LEU D 371 -16.57 22.45 -30.96
N ASN D 372 -17.62 22.01 -30.25
CA ASN D 372 -17.41 21.26 -29.02
C ASN D 372 -16.41 20.13 -29.25
N GLY D 373 -16.74 19.18 -30.12
CA GLY D 373 -15.83 18.06 -30.34
C GLY D 373 -14.46 18.48 -30.78
N CYS D 374 -14.31 19.71 -31.29
CA CYS D 374 -13.01 20.19 -31.73
C CYS D 374 -12.11 20.51 -30.54
N ILE D 375 -12.66 21.12 -29.50
CA ILE D 375 -11.84 21.73 -28.45
C ILE D 375 -12.07 21.10 -27.08
N ASN D 376 -12.98 20.15 -26.95
CA ASN D 376 -13.12 19.43 -25.68
C ASN D 376 -11.82 18.77 -25.26
N PRO D 377 -11.09 18.04 -26.13
CA PRO D 377 -9.80 17.51 -25.69
C PRO D 377 -8.80 18.59 -25.33
N VAL D 378 -8.86 19.75 -26.00
CA VAL D 378 -7.90 20.81 -25.71
C VAL D 378 -8.08 21.34 -24.30
N LEU D 379 -9.33 21.64 -23.92
CA LEU D 379 -9.58 22.19 -22.59
C LEU D 379 -9.37 21.15 -21.50
N TYR D 380 -9.86 19.93 -21.73
CA TYR D 380 -9.94 18.94 -20.67
C TYR D 380 -8.82 17.92 -20.71
N ALA D 381 -8.03 17.87 -21.78
CA ALA D 381 -6.94 16.90 -21.88
C ALA D 381 -5.61 17.48 -22.33
N ALA D 382 -5.59 18.61 -23.05
CA ALA D 382 -4.33 19.16 -23.49
C ALA D 382 -3.70 20.05 -22.43
N MET D 383 -4.49 20.94 -21.83
CA MET D 383 -3.98 21.84 -20.80
C MET D 383 -3.89 21.16 -19.44
N ASN D 384 -4.53 20.01 -19.26
CA ASN D 384 -4.47 19.29 -17.99
C ASN D 384 -3.02 18.91 -17.71
N ARG D 385 -2.55 19.17 -16.48
CA ARG D 385 -1.15 18.94 -16.17
C ARG D 385 -0.79 17.47 -16.16
N GLN D 386 -1.71 16.60 -15.75
CA GLN D 386 -1.42 15.17 -15.75
C GLN D 386 -1.16 14.68 -17.18
N PHE D 387 -2.05 15.04 -18.10
CA PHE D 387 -1.88 14.63 -19.50
C PHE D 387 -0.64 15.27 -20.10
N ARG D 388 -0.38 16.53 -19.76
CA ARG D 388 0.81 17.20 -20.27
C ARG D 388 2.07 16.46 -19.83
N GLN D 389 2.13 16.09 -18.56
CA GLN D 389 3.30 15.36 -18.05
C GLN D 389 3.42 14.00 -18.71
N ALA D 390 2.29 13.31 -18.92
CA ALA D 390 2.34 12.02 -19.59
C ALA D 390 2.90 12.16 -21.00
N TYR D 391 2.42 13.18 -21.74
CA TYR D 391 2.91 13.39 -23.10
C TYR D 391 4.39 13.76 -23.11
N GLY D 392 4.81 14.61 -22.16
CA GLY D 392 6.21 14.96 -22.10
C GLY D 392 7.10 13.77 -21.79
N SER D 393 6.66 12.91 -20.86
CA SER D 393 7.42 11.71 -20.55
C SER D 393 7.49 10.79 -21.77
N ILE D 394 6.39 10.67 -22.50
CA ILE D 394 6.38 9.86 -23.72
C ILE D 394 7.40 10.41 -24.69
N LEU D 395 7.40 11.74 -24.90
CA LEU D 395 8.30 12.33 -25.88
C LEU D 395 9.77 12.14 -25.48
N LYS D 396 10.11 12.53 -24.26
CA LYS D 396 11.52 12.46 -23.84
C LYS D 396 12.02 11.04 -23.68
N ARG D 397 11.23 10.19 -23.03
CA ARG D 397 11.64 8.82 -22.77
C ARG D 397 11.36 7.89 -23.95
N GLY D 398 11.22 8.42 -25.16
CA GLY D 398 10.85 7.63 -26.30
C GLY D 398 11.72 6.39 -26.49
N PRO D 399 13.04 6.58 -26.51
CA PRO D 399 13.93 5.40 -26.70
C PRO D 399 13.68 4.31 -25.67
N ARG D 400 13.38 4.68 -24.44
CA ARG D 400 13.10 3.70 -23.40
C ARG D 400 11.64 3.34 -23.38
N SER D 401 10.77 4.30 -23.71
CA SER D 401 9.34 4.07 -23.63
C SER D 401 8.88 3.05 -24.68
N PHE D 402 9.56 3.01 -25.83
CA PHE D 402 9.16 2.07 -26.88
C PHE D 402 9.18 0.64 -26.37
N HIS D 403 10.14 0.30 -25.51
CA HIS D 403 10.21 -1.05 -24.97
C HIS D 403 9.22 -1.27 -23.83
N ARG D 404 8.62 -0.22 -23.30
CA ARG D 404 7.68 -0.33 -22.18
C ARG D 404 6.38 -0.93 -22.68
N LEU D 405 6.19 -2.21 -22.45
CA LEU D 405 4.98 -2.92 -22.85
C LEU D 405 4.65 -2.66 -24.32
N VAL E 2 -9.31 -15.71 29.39
CA VAL E 2 -10.30 -16.24 28.42
C VAL E 2 -11.41 -16.98 29.19
N GLN E 3 -12.65 -16.59 28.94
CA GLN E 3 -13.78 -17.13 29.68
C GLN E 3 -15.05 -16.95 28.87
N LEU E 4 -15.94 -17.94 28.94
CA LEU E 4 -17.23 -17.94 28.24
C LEU E 4 -18.29 -18.46 29.20
N VAL E 5 -18.98 -17.55 29.87
CA VAL E 5 -20.09 -17.92 30.73
C VAL E 5 -21.35 -17.98 29.86
N GLU E 6 -22.35 -18.73 30.30
CA GLU E 6 -23.57 -18.83 29.52
C GLU E 6 -24.75 -19.14 30.44
N SER E 7 -25.92 -18.66 30.03
CA SER E 7 -27.13 -18.83 30.81
C SER E 7 -28.33 -18.78 29.87
N GLY E 8 -29.53 -18.85 30.46
CA GLY E 8 -30.78 -18.87 29.72
C GLY E 8 -31.48 -20.20 29.72
N GLY E 9 -30.80 -21.28 30.09
CA GLY E 9 -31.44 -22.59 30.14
C GLY E 9 -32.36 -22.74 31.33
N GLY E 10 -33.10 -23.83 31.33
CA GLY E 10 -34.03 -24.12 32.40
C GLY E 10 -35.17 -24.99 31.89
N LEU E 11 -36.24 -25.00 32.68
CA LEU E 11 -37.43 -25.80 32.35
C LEU E 11 -38.36 -24.96 31.48
N VAL E 12 -38.66 -25.45 30.27
CA VAL E 12 -39.57 -24.78 29.36
C VAL E 12 -40.52 -25.81 28.78
N GLN E 13 -41.81 -25.51 28.78
CA GLN E 13 -42.79 -26.44 28.26
C GLN E 13 -42.66 -26.54 26.73
N PRO E 14 -43.06 -27.68 26.15
CA PRO E 14 -42.99 -27.81 24.70
C PRO E 14 -43.74 -26.70 23.99
N GLY E 15 -43.22 -26.29 22.83
CA GLY E 15 -43.84 -25.26 22.03
C GLY E 15 -43.51 -23.84 22.44
N GLY E 16 -42.71 -23.65 23.49
CA GLY E 16 -42.34 -22.34 23.97
C GLY E 16 -41.12 -21.81 23.25
N SER E 17 -40.43 -20.89 23.92
CA SER E 17 -39.24 -20.27 23.36
C SER E 17 -38.30 -19.87 24.48
N ARG E 18 -37.03 -19.73 24.14
CA ARG E 18 -36.01 -19.32 25.09
C ARG E 18 -34.81 -18.76 24.35
N LYS E 19 -34.13 -17.81 24.98
CA LYS E 19 -32.97 -17.15 24.39
C LYS E 19 -31.74 -17.49 25.23
N LEU E 20 -30.92 -18.41 24.74
CA LEU E 20 -29.66 -18.70 25.40
C LEU E 20 -28.66 -17.59 25.14
N SER E 21 -28.00 -17.13 26.20
CA SER E 21 -27.01 -16.06 26.11
C SER E 21 -25.65 -16.59 26.53
N CYS E 22 -24.61 -16.12 25.85
CA CYS E 22 -23.23 -16.54 26.09
C CYS E 22 -22.39 -15.28 26.19
N SER E 23 -21.97 -14.95 27.41
CA SER E 23 -21.15 -13.77 27.67
C SER E 23 -19.68 -14.15 27.63
N ALA E 24 -18.94 -13.51 26.75
CA ALA E 24 -17.53 -13.78 26.55
C ALA E 24 -16.70 -12.68 27.18
N SER E 25 -15.57 -13.05 27.78
CA SER E 25 -14.66 -12.09 28.37
C SER E 25 -13.24 -12.62 28.27
N GLY E 26 -12.28 -11.70 28.28
CA GLY E 26 -10.88 -12.09 28.27
C GLY E 26 -10.29 -12.43 26.92
N PHE E 27 -10.98 -12.11 25.83
CA PHE E 27 -10.41 -12.32 24.50
C PHE E 27 -11.15 -11.45 23.50
N ALA E 28 -10.57 -11.33 22.30
CA ALA E 28 -11.11 -10.51 21.23
C ALA E 28 -12.31 -11.22 20.62
N PHE E 29 -13.49 -10.97 21.18
CA PHE E 29 -14.70 -11.62 20.70
C PHE E 29 -15.00 -11.23 19.26
N SER E 30 -14.82 -9.94 18.93
CA SER E 30 -15.28 -9.44 17.64
C SER E 30 -14.61 -10.14 16.47
N SER E 31 -13.41 -10.67 16.68
CA SER E 31 -12.65 -11.32 15.61
C SER E 31 -12.81 -12.84 15.61
N PHE E 32 -13.65 -13.40 16.47
CA PHE E 32 -13.77 -14.84 16.61
C PHE E 32 -15.16 -15.28 16.18
N GLY E 33 -15.20 -16.19 15.21
CA GLY E 33 -16.45 -16.88 14.93
C GLY E 33 -16.84 -17.79 16.07
N MET E 34 -18.15 -18.03 16.19
CA MET E 34 -18.68 -18.74 17.34
C MET E 34 -19.60 -19.87 16.87
N HIS E 35 -19.72 -20.89 17.72
CA HIS E 35 -20.60 -22.02 17.47
C HIS E 35 -21.42 -22.29 18.71
N TRP E 36 -22.60 -22.87 18.51
CA TRP E 36 -23.38 -23.47 19.58
C TRP E 36 -23.43 -24.97 19.32
N VAL E 37 -23.01 -25.76 20.31
CA VAL E 37 -22.93 -27.21 20.19
C VAL E 37 -23.67 -27.83 21.36
N ARG E 38 -24.61 -28.73 21.07
CA ARG E 38 -25.43 -29.34 22.11
C ARG E 38 -24.97 -30.76 22.41
N GLN E 39 -25.34 -31.23 23.60
CA GLN E 39 -25.04 -32.59 24.02
C GLN E 39 -26.24 -33.10 24.80
N ALA E 40 -26.84 -34.19 24.33
CA ALA E 40 -28.00 -34.77 24.99
C ALA E 40 -27.66 -35.11 26.44
N PRO E 41 -28.65 -35.37 27.29
CA PRO E 41 -28.34 -35.66 28.70
C PRO E 41 -27.37 -36.81 28.91
N GLU E 42 -27.43 -37.85 28.07
CA GLU E 42 -26.56 -39.01 28.24
C GLU E 42 -26.06 -39.53 26.90
N LYS E 43 -25.88 -38.67 25.91
CA LYS E 43 -25.39 -39.07 24.59
C LYS E 43 -24.28 -38.13 24.16
N GLY E 44 -23.84 -38.28 22.91
CA GLY E 44 -22.72 -37.54 22.39
C GLY E 44 -23.09 -36.13 21.96
N LEU E 45 -22.09 -35.45 21.41
CA LEU E 45 -22.26 -34.07 20.99
C LEU E 45 -23.06 -33.99 19.69
N GLU E 46 -23.63 -32.82 19.43
CA GLU E 46 -24.38 -32.58 18.20
C GLU E 46 -24.31 -31.08 17.90
N TRP E 47 -23.67 -30.74 16.79
CA TRP E 47 -23.53 -29.34 16.41
C TRP E 47 -24.90 -28.70 16.16
N VAL E 48 -25.06 -27.46 16.61
CA VAL E 48 -26.34 -26.77 16.55
C VAL E 48 -26.29 -25.58 15.58
N ALA E 49 -25.32 -24.70 15.73
CA ALA E 49 -25.31 -23.50 14.89
C ALA E 49 -23.92 -22.90 14.83
N TYR E 50 -23.70 -22.05 13.83
CA TYR E 50 -22.43 -21.36 13.64
C TYR E 50 -22.66 -19.97 13.07
N ILE E 51 -21.93 -18.99 13.60
CA ILE E 51 -21.97 -17.62 13.11
C ILE E 51 -20.54 -17.11 12.99
N SER E 52 -20.17 -16.63 11.81
CA SER E 52 -18.81 -16.17 11.56
C SER E 52 -18.59 -14.78 12.15
N SER E 53 -17.32 -14.38 12.20
CA SER E 53 -16.99 -13.04 12.68
C SER E 53 -17.59 -11.99 11.75
N GLY E 54 -18.21 -10.97 12.34
CA GLY E 54 -18.91 -9.98 11.57
C GLY E 54 -20.30 -10.37 11.14
N SER E 55 -20.76 -11.58 11.47
CA SER E 55 -22.10 -12.04 11.15
C SER E 55 -22.35 -12.12 9.65
N GLY E 56 -21.28 -12.28 8.86
CA GLY E 56 -21.44 -12.39 7.42
C GLY E 56 -21.80 -13.77 6.93
N THR E 57 -21.77 -14.78 7.80
CA THR E 57 -22.12 -16.14 7.44
C THR E 57 -22.79 -16.80 8.63
N ILE E 58 -23.86 -17.55 8.39
CA ILE E 58 -24.57 -18.28 9.43
C ILE E 58 -24.95 -19.64 8.89
N TYR E 59 -24.80 -20.67 9.71
CA TYR E 59 -25.21 -22.02 9.34
C TYR E 59 -25.95 -22.65 10.52
N TYR E 60 -26.90 -23.52 10.19
CA TYR E 60 -27.67 -24.25 11.19
C TYR E 60 -27.71 -25.71 10.83
N ALA E 61 -27.82 -26.55 11.85
CA ALA E 61 -28.09 -27.96 11.62
C ALA E 61 -29.50 -28.11 11.05
N ASP E 62 -29.67 -29.10 10.16
CA ASP E 62 -30.96 -29.26 9.50
C ASP E 62 -32.10 -29.49 10.47
N THR E 63 -31.80 -29.98 11.67
CA THR E 63 -32.86 -30.27 12.64
C THR E 63 -33.31 -29.02 13.39
N VAL E 64 -32.67 -27.87 13.17
CA VAL E 64 -33.10 -26.63 13.82
C VAL E 64 -33.23 -25.51 12.79
N LYS E 65 -32.95 -25.80 11.53
CA LYS E 65 -33.00 -24.78 10.50
C LYS E 65 -34.37 -24.11 10.50
N GLY E 66 -34.36 -22.78 10.55
CA GLY E 66 -35.61 -22.03 10.60
C GLY E 66 -36.28 -22.00 11.94
N ARG E 67 -35.75 -22.73 12.93
CA ARG E 67 -36.30 -22.75 14.28
C ARG E 67 -35.40 -22.04 15.29
N PHE E 68 -34.09 -22.14 15.12
CA PHE E 68 -33.12 -21.44 15.96
C PHE E 68 -32.48 -20.32 15.16
N THR E 69 -32.37 -19.15 15.77
CA THR E 69 -31.71 -18.00 15.15
C THR E 69 -30.48 -17.65 15.98
N ILE E 70 -29.33 -17.57 15.31
CA ILE E 70 -28.05 -17.28 15.96
C ILE E 70 -27.72 -15.82 15.70
N SER E 71 -27.32 -15.11 16.75
CA SER E 71 -26.97 -13.70 16.64
C SER E 71 -25.76 -13.41 17.52
N ARG E 72 -25.09 -12.30 17.23
CA ARG E 72 -23.90 -11.92 17.97
C ARG E 72 -23.86 -10.40 18.09
N ASP E 73 -23.53 -9.92 19.29
CA ASP E 73 -23.36 -8.49 19.55
C ASP E 73 -21.92 -8.28 20.01
N ASP E 74 -21.08 -7.79 19.10
CA ASP E 74 -19.68 -7.54 19.42
C ASP E 74 -19.50 -6.46 20.48
N PRO E 75 -20.17 -5.31 20.42
CA PRO E 75 -19.87 -4.25 21.41
C PRO E 75 -20.02 -4.71 22.84
N LYS E 76 -21.01 -5.56 23.13
CA LYS E 76 -21.16 -6.12 24.46
C LYS E 76 -20.50 -7.49 24.60
N ASN E 77 -19.86 -7.99 23.53
CA ASN E 77 -19.20 -9.29 23.56
C ASN E 77 -20.16 -10.38 24.04
N THR E 78 -21.25 -10.56 23.31
CA THR E 78 -22.26 -11.55 23.68
C THR E 78 -22.74 -12.31 22.45
N LEU E 79 -23.18 -13.54 22.68
CA LEU E 79 -23.72 -14.41 21.63
C LEU E 79 -25.10 -14.87 22.07
N PHE E 80 -26.03 -14.96 21.13
CA PHE E 80 -27.42 -15.29 21.42
C PHE E 80 -27.90 -16.43 20.52
N LEU E 81 -28.67 -17.34 21.09
CA LEU E 81 -29.38 -18.37 20.34
C LEU E 81 -30.85 -18.29 20.74
N GLN E 82 -31.68 -17.83 19.81
CA GLN E 82 -33.12 -17.72 20.03
C GLN E 82 -33.79 -18.98 19.52
N MET E 83 -34.41 -19.74 20.42
CA MET E 83 -35.09 -20.98 20.10
C MET E 83 -36.58 -20.78 20.27
N THR E 84 -37.37 -21.26 19.31
CA THR E 84 -38.82 -21.16 19.34
C THR E 84 -39.43 -22.49 18.98
N SER E 85 -40.56 -22.80 19.62
CA SER E 85 -41.27 -24.07 19.40
C SER E 85 -40.36 -25.25 19.72
N LEU E 86 -39.92 -25.30 20.98
CA LEU E 86 -39.02 -26.35 21.42
C LEU E 86 -39.74 -27.68 21.54
N ARG E 87 -38.99 -28.77 21.34
CA ARG E 87 -39.51 -30.11 21.41
C ARG E 87 -38.62 -30.94 22.33
N SER E 88 -39.10 -32.14 22.66
CA SER E 88 -38.36 -33.00 23.59
C SER E 88 -36.96 -33.31 23.07
N GLU E 89 -36.78 -33.32 21.75
CA GLU E 89 -35.46 -33.59 21.19
C GLU E 89 -34.47 -32.47 21.44
N ASP E 90 -34.94 -31.29 21.87
CA ASP E 90 -34.06 -30.16 22.12
C ASP E 90 -33.49 -30.13 23.53
N THR E 91 -33.96 -30.99 24.42
CA THR E 91 -33.41 -31.04 25.77
C THR E 91 -31.96 -31.50 25.72
N ALA E 92 -31.06 -30.67 26.24
CA ALA E 92 -29.63 -30.96 26.17
C ALA E 92 -28.86 -29.86 26.88
N MET E 93 -27.56 -30.06 27.00
CA MET E 93 -26.65 -29.02 27.49
C MET E 93 -26.02 -28.33 26.29
N TYR E 94 -26.11 -27.00 26.25
CA TYR E 94 -25.59 -26.21 25.15
C TYR E 94 -24.28 -25.57 25.55
N TYR E 95 -23.29 -25.64 24.66
CA TYR E 95 -21.96 -25.11 24.89
C TYR E 95 -21.66 -24.05 23.85
N CYS E 96 -21.21 -22.89 24.33
CA CYS E 96 -20.74 -21.80 23.49
C CYS E 96 -19.28 -22.06 23.14
N VAL E 97 -19.00 -22.29 21.87
CA VAL E 97 -17.68 -22.75 21.43
C VAL E 97 -17.03 -21.66 20.59
N ARG E 98 -15.74 -21.47 20.81
CA ARG E 98 -14.94 -20.46 20.13
C ARG E 98 -14.41 -21.03 18.82
N SER E 99 -14.04 -20.16 17.89
CA SER E 99 -13.39 -20.64 16.67
C SER E 99 -12.83 -19.45 15.90
N ILE E 100 -11.56 -19.55 15.51
CA ILE E 100 -10.89 -18.53 14.71
C ILE E 100 -10.27 -19.22 13.51
N TYR E 101 -10.54 -18.71 12.32
CA TYR E 101 -10.13 -19.35 11.06
C TYR E 101 -9.13 -18.46 10.34
N TYR E 102 -7.86 -18.81 10.46
CA TYR E 102 -6.80 -18.26 9.62
C TYR E 102 -5.72 -19.31 9.51
N TYR E 103 -4.90 -19.20 8.45
CA TYR E 103 -3.91 -20.23 8.18
C TYR E 103 -3.13 -20.59 9.44
N GLY E 104 -3.29 -21.82 9.92
CA GLY E 104 -2.61 -22.28 11.10
C GLY E 104 -3.34 -22.05 12.41
N SER E 105 -4.61 -21.63 12.36
CA SER E 105 -5.36 -21.40 13.58
C SER E 105 -5.78 -22.73 14.22
N SER E 106 -6.46 -22.62 15.36
CA SER E 106 -6.91 -23.78 16.13
C SER E 106 -8.38 -23.59 16.50
N PRO E 107 -9.29 -23.77 15.54
CA PRO E 107 -10.71 -23.57 15.84
C PRO E 107 -11.23 -24.59 16.84
N PHE E 108 -12.29 -24.19 17.56
CA PHE E 108 -12.88 -24.98 18.64
C PHE E 108 -11.91 -25.16 19.80
N ASP E 109 -11.03 -24.19 20.03
CA ASP E 109 -10.03 -24.32 21.08
C ASP E 109 -10.66 -24.26 22.47
N PHE E 110 -11.52 -23.29 22.69
CA PHE E 110 -12.10 -23.03 24.01
C PHE E 110 -13.60 -23.24 23.98
N TRP E 111 -14.12 -24.00 24.96
CA TRP E 111 -15.53 -24.28 25.09
C TRP E 111 -16.07 -23.67 26.37
N GLY E 112 -17.34 -23.28 26.34
CA GLY E 112 -17.97 -22.74 27.52
C GLY E 112 -18.20 -23.80 28.58
N GLN E 113 -18.74 -23.36 29.72
CA GLN E 113 -19.00 -24.28 30.82
C GLN E 113 -20.28 -25.07 30.65
N GLY E 114 -21.14 -24.69 29.70
CA GLY E 114 -22.35 -25.43 29.44
C GLY E 114 -23.55 -24.90 30.19
N THR E 115 -24.71 -24.87 29.52
CA THR E 115 -25.97 -24.49 30.14
C THR E 115 -26.99 -25.57 29.83
N THR E 116 -27.62 -26.11 30.87
CA THR E 116 -28.56 -27.21 30.69
C THR E 116 -29.93 -26.69 30.30
N LEU E 117 -30.67 -27.50 29.53
CA LEU E 117 -32.02 -27.16 29.09
C LEU E 117 -32.86 -28.43 29.13
N THR E 118 -33.80 -28.48 30.07
CA THR E 118 -34.70 -29.61 30.22
C THR E 118 -36.09 -29.21 29.72
N VAL E 119 -36.68 -30.05 28.88
CA VAL E 119 -37.98 -29.80 28.29
C VAL E 119 -38.97 -30.80 28.88
N SER E 120 -40.03 -30.29 29.49
CA SER E 120 -41.03 -31.15 30.10
C SER E 120 -41.77 -31.95 29.05
N SER E 121 -42.13 -33.19 29.40
CA SER E 121 -42.85 -34.06 28.48
C SER E 121 -44.30 -33.61 28.33
N SER E 136 -26.93 -36.86 3.40
CA SER E 136 -25.89 -35.98 2.87
C SER E 136 -24.80 -35.71 3.90
N ASP E 137 -25.18 -35.77 5.18
CA ASP E 137 -24.24 -35.52 6.25
C ASP E 137 -23.17 -36.59 6.28
N ILE E 138 -21.95 -36.21 6.64
CA ILE E 138 -20.84 -37.15 6.72
C ILE E 138 -21.01 -37.97 8.00
N VAL E 139 -21.34 -39.26 7.85
CA VAL E 139 -21.49 -40.13 8.99
C VAL E 139 -20.11 -40.46 9.57
N MET E 140 -19.99 -40.36 10.89
CA MET E 140 -18.75 -40.66 11.57
C MET E 140 -19.03 -41.60 12.73
N THR E 141 -18.15 -42.57 12.93
CA THR E 141 -18.35 -43.61 13.93
C THR E 141 -17.06 -43.85 14.70
N GLN E 142 -17.19 -44.37 15.91
CA GLN E 142 -16.06 -44.74 16.75
C GLN E 142 -16.16 -46.23 17.08
N ALA E 143 -15.01 -46.91 17.06
CA ALA E 143 -15.01 -48.36 17.16
C ALA E 143 -15.65 -48.85 18.46
N THR E 144 -15.30 -48.25 19.59
CA THR E 144 -15.76 -48.73 20.88
C THR E 144 -16.36 -47.57 21.67
N SER E 145 -17.50 -47.84 22.32
CA SER E 145 -18.13 -46.82 23.17
C SER E 145 -17.41 -46.66 24.50
N SER E 146 -16.93 -47.76 25.09
CA SER E 146 -16.21 -47.70 26.36
C SER E 146 -15.07 -48.69 26.31
N VAL E 147 -13.88 -48.25 26.73
CA VAL E 147 -12.67 -49.05 26.68
C VAL E 147 -12.06 -49.09 28.08
N PRO E 148 -11.72 -50.27 28.60
CA PRO E 148 -11.03 -50.32 29.90
C PRO E 148 -9.54 -50.03 29.74
N VAL E 149 -9.01 -49.19 30.62
CA VAL E 149 -7.62 -48.74 30.54
C VAL E 149 -6.96 -48.90 31.89
N THR E 150 -5.62 -48.98 31.86
CA THR E 150 -4.81 -49.06 33.06
C THR E 150 -3.81 -47.92 33.07
N PRO E 151 -3.67 -47.18 34.17
CA PRO E 151 -2.74 -46.05 34.18
C PRO E 151 -1.31 -46.48 33.84
N GLY E 152 -0.61 -45.64 33.11
CA GLY E 152 0.74 -45.92 32.69
C GLY E 152 0.86 -46.70 31.39
N GLU E 153 -0.25 -47.10 30.79
CA GLU E 153 -0.25 -47.84 29.54
C GLU E 153 -0.55 -46.93 28.37
N SER E 154 -0.27 -47.43 27.17
CA SER E 154 -0.51 -46.71 25.93
C SER E 154 -1.76 -47.27 25.27
N VAL E 155 -2.71 -46.40 24.94
CA VAL E 155 -4.01 -46.81 24.43
C VAL E 155 -4.35 -46.00 23.18
N SER E 156 -4.99 -46.67 22.22
CA SER E 156 -5.37 -46.05 20.97
C SER E 156 -6.89 -46.05 20.81
N ILE E 157 -7.41 -45.01 20.18
CA ILE E 157 -8.82 -44.88 19.87
C ILE E 157 -8.93 -44.73 18.35
N SER E 158 -9.86 -45.47 17.75
CA SER E 158 -10.04 -45.47 16.31
C SER E 158 -11.37 -44.81 15.95
N CYS E 159 -11.37 -44.09 14.83
CA CYS E 159 -12.56 -43.41 14.32
C CYS E 159 -12.61 -43.57 12.81
N ARG E 160 -13.81 -43.59 12.27
CA ARG E 160 -14.04 -43.73 10.84
C ARG E 160 -15.00 -42.66 10.35
N SER E 161 -14.78 -42.20 9.13
CA SER E 161 -15.61 -41.19 8.48
C SER E 161 -16.26 -41.79 7.24
N SER E 162 -17.46 -41.31 6.93
CA SER E 162 -18.17 -41.80 5.76
C SER E 162 -17.39 -41.54 4.48
N LYS E 163 -16.81 -40.36 4.36
CA LYS E 163 -16.04 -39.98 3.18
C LYS E 163 -14.72 -39.35 3.62
N SER E 164 -13.74 -39.40 2.73
CA SER E 164 -12.42 -38.86 3.04
C SER E 164 -12.52 -37.41 3.43
N LEU E 165 -11.84 -37.05 4.51
CA LEU E 165 -11.80 -35.67 4.99
C LEU E 165 -10.61 -34.89 4.45
N LEU E 166 -9.79 -35.49 3.60
CA LEU E 166 -8.61 -34.83 3.06
C LEU E 166 -9.04 -33.94 1.90
N HIS E 167 -9.15 -32.64 2.16
CA HIS E 167 -9.45 -31.69 1.10
C HIS E 167 -8.26 -31.59 0.15
N SER E 168 -8.50 -31.02 -1.03
CA SER E 168 -7.46 -30.91 -2.04
C SER E 168 -6.23 -30.18 -1.49
N ASN E 169 -6.44 -29.19 -0.64
CA ASN E 169 -5.31 -28.41 -0.14
C ASN E 169 -4.41 -29.20 0.80
N GLY E 170 -4.85 -30.39 1.23
CA GLY E 170 -4.04 -31.26 2.05
C GLY E 170 -4.37 -31.25 3.53
N ASN E 171 -5.36 -30.47 3.96
CA ASN E 171 -5.73 -30.40 5.36
C ASN E 171 -6.81 -31.44 5.65
N THR E 172 -6.47 -32.45 6.45
CA THR E 172 -7.45 -33.44 6.91
C THR E 172 -8.22 -32.81 8.06
N TYR E 173 -9.40 -32.29 7.76
CA TYR E 173 -10.14 -31.49 8.73
C TYR E 173 -10.81 -32.37 9.78
N LEU E 174 -10.01 -33.10 10.56
CA LEU E 174 -10.51 -33.90 11.66
C LEU E 174 -10.06 -33.30 12.98
N TYR E 175 -10.95 -33.34 13.98
CA TYR E 175 -10.70 -32.77 15.29
C TYR E 175 -11.03 -33.79 16.37
N TRP E 176 -10.23 -33.79 17.42
CA TRP E 176 -10.40 -34.68 18.56
C TRP E 176 -10.56 -33.84 19.81
N PHE E 177 -11.66 -34.08 20.54
CA PHE E 177 -11.98 -33.37 21.78
C PHE E 177 -12.06 -34.34 22.93
N LEU E 178 -11.72 -33.86 24.13
CA LEU E 178 -11.75 -34.63 25.36
C LEU E 178 -12.79 -34.03 26.30
N GLN E 179 -13.70 -34.86 26.81
CA GLN E 179 -14.66 -34.44 27.82
C GLN E 179 -14.43 -35.28 29.07
N ARG E 180 -13.90 -34.65 30.10
CA ARG E 180 -13.71 -35.34 31.37
C ARG E 180 -15.01 -35.31 32.16
N PRO E 181 -15.20 -36.24 33.10
CA PRO E 181 -16.47 -36.30 33.84
C PRO E 181 -16.79 -34.97 34.51
N GLY E 182 -17.97 -34.43 34.17
CA GLY E 182 -18.41 -33.19 34.75
C GLY E 182 -17.71 -31.95 34.25
N GLN E 183 -17.08 -32.03 33.08
CA GLN E 183 -16.36 -30.90 32.51
C GLN E 183 -16.71 -30.75 31.04
N SER E 184 -16.65 -29.51 30.55
CA SER E 184 -16.90 -29.26 29.14
C SER E 184 -15.75 -29.81 28.29
N PRO E 185 -16.03 -30.28 27.08
CA PRO E 185 -14.94 -30.84 26.26
C PRO E 185 -13.92 -29.78 25.89
N GLN E 186 -12.66 -30.21 25.79
CA GLN E 186 -11.56 -29.33 25.44
C GLN E 186 -10.82 -29.91 24.24
N LEU E 187 -10.46 -29.05 23.31
CA LEU E 187 -9.78 -29.50 22.09
C LEU E 187 -8.49 -30.22 22.45
N LEU E 188 -8.30 -31.38 21.84
CA LEU E 188 -7.04 -32.13 21.93
C LEU E 188 -6.23 -32.03 20.65
N ILE E 189 -6.85 -32.27 19.50
CA ILE E 189 -6.15 -32.27 18.23
C ILE E 189 -7.01 -31.56 17.19
N TYR E 190 -6.38 -30.77 16.33
CA TYR E 190 -7.04 -30.14 15.20
C TYR E 190 -6.28 -30.49 13.92
N ARG E 191 -7.02 -30.65 12.83
CA ARG E 191 -6.51 -31.09 11.53
C ARG E 191 -5.99 -32.52 11.58
N MET E 192 -6.29 -33.27 12.63
CA MET E 192 -5.98 -34.68 12.82
C MET E 192 -4.51 -34.93 13.11
N SER E 193 -3.65 -33.93 13.01
CA SER E 193 -2.22 -34.08 13.32
C SER E 193 -1.69 -33.01 14.25
N ASN E 194 -2.14 -31.77 14.10
CA ASN E 194 -1.64 -30.69 14.92
C ASN E 194 -2.12 -30.85 16.36
N LEU E 195 -1.29 -30.44 17.31
CA LEU E 195 -1.55 -30.62 18.73
C LEU E 195 -2.00 -29.30 19.34
N ALA E 196 -3.15 -29.31 19.99
CA ALA E 196 -3.67 -28.10 20.61
C ALA E 196 -2.73 -27.63 21.72
N SER E 197 -2.60 -26.32 21.86
CA SER E 197 -1.70 -25.77 22.86
C SER E 197 -2.20 -26.10 24.26
N GLY E 198 -1.26 -26.40 25.15
CA GLY E 198 -1.57 -26.65 26.54
C GLY E 198 -1.84 -28.11 26.89
N VAL E 199 -1.89 -28.99 25.91
CA VAL E 199 -2.12 -30.41 26.17
C VAL E 199 -0.83 -31.03 26.71
N PRO E 200 -0.91 -32.15 27.44
CA PRO E 200 0.31 -32.72 28.04
C PRO E 200 1.33 -33.21 27.03
N ASP E 201 0.97 -33.22 25.74
CA ASP E 201 1.83 -33.64 24.63
C ASP E 201 1.88 -35.15 24.49
N ARG E 202 1.17 -35.92 25.34
CA ARG E 202 1.14 -37.40 25.21
C ARG E 202 0.34 -37.76 23.99
N PHE E 203 -0.72 -37.00 23.68
CA PHE E 203 -1.63 -37.35 22.62
C PHE E 203 -0.99 -37.17 21.25
N SER E 204 -1.38 -38.03 20.32
CA SER E 204 -0.97 -37.92 18.93
C SER E 204 -2.14 -38.31 18.04
N GLY E 205 -2.26 -37.62 16.91
CA GLY E 205 -3.30 -37.91 15.92
C GLY E 205 -2.68 -38.38 14.62
N SER E 206 -3.34 -39.34 13.97
CA SER E 206 -2.80 -39.88 12.72
C SER E 206 -3.93 -40.53 11.94
N GLY E 207 -3.60 -40.99 10.73
CA GLY E 207 -4.51 -41.71 9.88
C GLY E 207 -4.63 -41.04 8.53
N SER E 208 -5.59 -41.53 7.75
CA SER E 208 -5.89 -40.99 6.44
C SER E 208 -7.41 -40.91 6.29
N GLY E 209 -7.85 -40.44 5.12
CA GLY E 209 -9.27 -40.27 4.87
C GLY E 209 -10.08 -41.51 5.18
N THR E 210 -11.13 -41.35 5.97
CA THR E 210 -12.08 -42.40 6.36
C THR E 210 -11.54 -43.29 7.48
N ALA E 211 -10.31 -43.07 7.97
CA ALA E 211 -9.77 -43.91 9.03
C ALA E 211 -8.74 -43.08 9.80
N PHE E 212 -9.10 -42.64 11.00
CA PHE E 212 -8.25 -41.80 11.83
C PHE E 212 -8.09 -42.45 13.21
N THR E 213 -7.05 -42.03 13.92
CA THR E 213 -6.76 -42.62 15.21
C THR E 213 -6.06 -41.62 16.12
N LEU E 214 -6.32 -41.76 17.42
CA LEU E 214 -5.70 -40.95 18.46
C LEU E 214 -4.97 -41.90 19.41
N THR E 215 -3.67 -41.70 19.54
CA THR E 215 -2.83 -42.55 20.38
C THR E 215 -2.38 -41.78 21.62
N ILE E 216 -2.45 -42.44 22.77
CA ILE E 216 -2.00 -41.89 24.04
C ILE E 216 -0.86 -42.78 24.53
N SER E 217 0.29 -42.18 24.78
CA SER E 217 1.45 -42.88 25.31
C SER E 217 1.68 -42.45 26.76
N ARG E 218 1.91 -43.41 27.63
CA ARG E 218 2.13 -43.13 29.05
C ARG E 218 0.88 -42.50 29.67
N LEU E 219 -0.25 -43.21 29.55
CA LEU E 219 -1.50 -42.72 30.10
C LEU E 219 -1.39 -42.52 31.60
N GLU E 220 -2.03 -41.46 32.11
CA GLU E 220 -1.99 -41.16 33.52
C GLU E 220 -3.29 -40.44 33.89
N ALA E 221 -3.34 -39.87 35.08
CA ALA E 221 -4.54 -39.22 35.57
C ALA E 221 -5.02 -38.15 34.61
N GLU E 222 -6.31 -37.81 34.71
CA GLU E 222 -6.90 -36.73 33.92
C GLU E 222 -7.15 -37.15 32.47
N ASP E 223 -6.75 -38.36 32.05
CA ASP E 223 -7.00 -38.87 30.69
C ASP E 223 -8.36 -39.52 30.62
N VAL E 224 -8.80 -40.17 31.71
CA VAL E 224 -10.07 -40.90 31.65
C VAL E 224 -11.19 -39.94 31.33
N GLY E 225 -12.05 -40.35 30.39
CA GLY E 225 -13.12 -39.49 29.93
C GLY E 225 -13.56 -39.93 28.54
N VAL E 226 -14.46 -39.15 27.96
CA VAL E 226 -15.07 -39.48 26.67
C VAL E 226 -14.34 -38.70 25.59
N TYR E 227 -13.85 -39.41 24.57
CA TYR E 227 -13.20 -38.79 23.43
C TYR E 227 -14.23 -38.67 22.32
N TYR E 228 -14.33 -37.49 21.73
CA TYR E 228 -15.24 -37.23 20.62
C TYR E 228 -14.45 -36.84 19.39
N CYS E 229 -14.79 -37.44 18.25
CA CYS E 229 -14.23 -37.05 16.98
C CYS E 229 -15.21 -36.15 16.23
N MET E 230 -14.66 -35.28 15.40
CA MET E 230 -15.47 -34.33 14.64
C MET E 230 -14.77 -34.05 13.32
N GLN E 231 -15.56 -33.61 12.35
CA GLN E 231 -15.05 -33.22 11.04
C GLN E 231 -15.52 -31.80 10.73
N HIS E 232 -14.67 -31.06 10.02
CA HIS E 232 -14.99 -29.69 9.64
C HIS E 232 -14.74 -29.49 8.15
N LEU E 233 -14.89 -30.56 7.37
CA LEU E 233 -14.74 -30.42 5.92
C LEU E 233 -15.94 -29.74 5.31
N GLU E 234 -17.15 -30.12 5.73
CA GLU E 234 -18.38 -29.54 5.24
C GLU E 234 -19.39 -29.48 6.38
N TYR E 235 -20.25 -28.47 6.35
CA TYR E 235 -21.32 -28.41 7.31
C TYR E 235 -22.43 -29.39 6.93
N PRO E 236 -23.16 -29.94 7.92
CA PRO E 236 -23.01 -29.76 9.36
C PRO E 236 -21.81 -30.52 9.91
N LEU E 237 -21.34 -30.16 11.10
CA LEU E 237 -20.15 -30.76 11.70
C LEU E 237 -20.60 -31.98 12.52
N THR E 238 -20.53 -33.15 11.89
CA THR E 238 -20.99 -34.36 12.54
C THR E 238 -19.96 -34.85 13.55
N PHE E 239 -20.43 -35.13 14.76
CA PHE E 239 -19.58 -35.66 15.82
C PHE E 239 -19.66 -37.19 15.86
N GLY E 240 -18.68 -37.79 16.53
CA GLY E 240 -18.73 -39.21 16.78
C GLY E 240 -19.59 -39.54 17.98
N ALA E 241 -19.84 -40.83 18.16
CA ALA E 241 -20.65 -41.29 19.27
C ALA E 241 -19.94 -41.15 20.61
N GLY E 242 -18.61 -41.04 20.62
CA GLY E 242 -17.86 -40.89 21.84
C GLY E 242 -17.36 -42.20 22.40
N THR E 243 -16.08 -42.25 22.75
CA THR E 243 -15.46 -43.45 23.30
C THR E 243 -14.98 -43.16 24.71
N LYS E 244 -15.43 -43.94 25.69
CA LYS E 244 -15.09 -43.68 27.07
C LYS E 244 -13.87 -44.49 27.50
N LEU E 245 -12.94 -43.80 28.14
CA LEU E 245 -11.80 -44.42 28.81
C LEU E 245 -12.02 -44.35 30.31
N GLU E 246 -12.19 -45.50 30.94
CA GLU E 246 -12.46 -45.58 32.37
C GLU E 246 -11.54 -46.61 32.99
N LEU E 247 -11.23 -46.41 34.27
CA LEU E 247 -10.35 -47.30 35.00
C LEU E 247 -10.98 -48.68 35.17
#